data_7DIC
#
_entry.id   7DIC
#
_cell.length_a   68.258
_cell.length_b   68.258
_cell.length_c   354.687
_cell.angle_alpha   90.000
_cell.angle_beta   90.000
_cell.angle_gamma   90.000
#
_symmetry.space_group_name_H-M   'P 43 21 2'
#
loop_
_entity.id
_entity.type
_entity.pdbx_description
1 polymer 'Ribonuclease R'
2 polymer "RNA (5'-R(P*AP*AP*AP*AP*AP*AP*AP*AP*A)-3')"
3 non-polymer 'MAGNESIUM ION'
4 water water
#
loop_
_entity_poly.entity_id
_entity_poly.type
_entity_poly.pdbx_seq_one_letter_code
_entity_poly.pdbx_strand_id
1 'polypeptide(L)'
;MGHHHHHHHHHHSSGHIDDDDKMKVLTELQKQIFTIVKKENGKPIPPGIVVRMMENSPNFPGKHLIYRAIDDLLDWAILR
KAGGVTNQLLVNYEPAEPLLDKKLQGILTLGNKNSGFIRSLDDDKTVYYVHYSNLTGALDGDLVEFCKLDKPQFGDKFDA
AVITILKRARILYAGNFLVDQNEFALEYKIVADNPRFYLTMIVNPDSIPNNLASNTKIAFQIDEYDPDNNLCKVSVQQVL
GNNDDPLINIKAIMLDNSIVFETNDVVEQHANKLSFDTEEQHKAYRQDLTDLAFVTVDPTTSKDLADAIYVKTIPTGFVL
YVAIADVAHYVNRNSEIDIEAKHKTSSIYLPGHYVVPMLPEQLSNQLCSLNPAQKRYVVVCEISFDNQGRIKTNKLYPAT
IISKNRFSYDQVNKWLNNKSELNCDETVINSLKAAFTLSDLIQAQRQKRGTIDLSHKETEIVVDEHYFPIKINFLVHDKA
ETMIENLMVVANETVAWVLTNNKIALPYRVHPRPSKKKLQSLIETVGELNITKPQFNLDTVTSSQIASWLNENKDNPSYE
IFVILLLRTLGKAFYSVNPLMHFSIGSNHYTHFTSPIRRYIDLTIHRLLWMHLFTPDQFTDNERDQLKQELEKIADTVND
TEIKIINCERNANDYLTTLLLSKQIGKTFSGFISAITSFGIFMRMDENNFDGLIKITTIPDDFFIFEKEKMVLKGRKTNK
VYKIGDRLEAKLSEIDFIQKRAILTLI
;
A
2 'polyribonucleotide' AAAAAAAAA C
#
loop_
_chem_comp.id
_chem_comp.type
_chem_comp.name
_chem_comp.formula
A RNA linking ADENOSINE-5'-MONOPHOSPHATE 'C10 H14 N5 O7 P'
MG non-polymer 'MAGNESIUM ION' 'Mg 2'
#
# COMPACT_ATOMS: atom_id res chain seq x y z
N LYS A 102 -20.69 -17.84 -27.96
CA LYS A 102 -20.53 -18.56 -26.70
C LYS A 102 -20.97 -17.69 -25.52
N LYS A 103 -20.40 -18.00 -24.35
CA LYS A 103 -20.66 -17.27 -23.11
C LYS A 103 -19.37 -16.64 -22.60
N LEU A 104 -19.50 -15.45 -22.03
CA LEU A 104 -18.38 -14.63 -21.61
C LEU A 104 -18.11 -14.78 -20.11
N GLN A 105 -16.91 -14.36 -19.69
CA GLN A 105 -16.44 -14.50 -18.32
C GLN A 105 -15.63 -13.29 -17.87
N GLY A 106 -15.88 -12.85 -16.64
CA GLY A 106 -15.18 -11.66 -16.16
C GLY A 106 -15.44 -11.42 -14.69
N ILE A 107 -14.78 -10.40 -14.18
CA ILE A 107 -14.81 -10.06 -12.75
C ILE A 107 -15.78 -8.90 -12.50
N LEU A 108 -16.68 -9.10 -11.52
CA LEU A 108 -17.67 -8.09 -11.15
C LEU A 108 -17.08 -7.11 -10.14
N THR A 109 -17.33 -5.82 -10.35
CA THR A 109 -16.99 -4.76 -9.41
C THR A 109 -18.28 -4.01 -9.13
N LEU A 110 -18.63 -3.87 -7.84
CA LEU A 110 -19.83 -3.14 -7.43
C LEU A 110 -19.46 -1.74 -6.93
N GLY A 111 -20.32 -0.78 -7.21
CA GLY A 111 -20.08 0.59 -6.81
C GLY A 111 -21.30 1.20 -6.14
N ASN A 112 -21.54 2.47 -6.46
CA ASN A 112 -22.66 3.21 -5.89
C ASN A 112 -23.98 2.45 -6.04
N LYS A 113 -24.73 2.33 -4.95
CA LYS A 113 -26.05 1.67 -4.99
C LYS A 113 -25.96 0.21 -5.36
N ASN A 114 -24.74 -0.33 -5.31
CA ASN A 114 -24.52 -1.74 -5.58
C ASN A 114 -25.00 -2.13 -6.97
N SER A 115 -25.02 -1.17 -7.89
CA SER A 115 -24.85 -1.55 -9.29
C SER A 115 -23.36 -1.46 -9.58
N GLY A 116 -22.96 -1.93 -10.77
CA GLY A 116 -21.57 -1.94 -11.13
C GLY A 116 -21.29 -2.34 -12.56
N PHE A 117 -20.20 -3.08 -12.74
CA PHE A 117 -19.75 -3.47 -14.06
C PHE A 117 -18.94 -4.76 -13.98
N ILE A 118 -18.83 -5.42 -15.14
CA ILE A 118 -18.09 -6.66 -15.28
C ILE A 118 -16.96 -6.40 -16.28
N ARG A 119 -15.73 -6.72 -15.88
CA ARG A 119 -14.54 -6.64 -16.74
C ARG A 119 -14.21 -8.00 -17.31
N SER A 120 -14.41 -8.18 -18.62
CA SER A 120 -14.20 -9.48 -19.27
C SER A 120 -12.71 -9.91 -19.21
N LEU A 121 -12.50 -11.23 -19.27
CA LEU A 121 -11.16 -11.85 -19.30
C LEU A 121 -10.54 -11.91 -20.70
N ASP A 122 -11.25 -11.42 -21.72
CA ASP A 122 -10.83 -11.37 -23.12
C ASP A 122 -9.57 -10.55 -23.30
N ASP A 123 -9.13 -10.39 -24.55
CA ASP A 123 -7.88 -9.68 -24.81
C ASP A 123 -8.00 -8.20 -24.48
N ASP A 124 -9.12 -7.60 -24.89
CA ASP A 124 -9.54 -6.24 -24.71
C ASP A 124 -9.98 -5.86 -23.29
N LYS A 125 -10.13 -6.80 -22.38
CA LYS A 125 -10.56 -6.47 -21.02
C LYS A 125 -11.84 -5.64 -21.06
N THR A 126 -12.76 -6.06 -21.94
CA THR A 126 -13.96 -5.26 -22.24
C THR A 126 -14.82 -5.12 -20.99
N VAL A 127 -15.47 -3.96 -20.89
CA VAL A 127 -16.28 -3.59 -19.74
C VAL A 127 -17.74 -3.56 -20.14
N TYR A 128 -18.57 -4.22 -19.34
CA TYR A 128 -20.02 -4.25 -19.47
C TYR A 128 -20.68 -3.77 -18.17
N TYR A 129 -21.72 -2.96 -18.28
CA TYR A 129 -22.49 -2.53 -17.12
C TYR A 129 -23.50 -3.59 -16.75
N VAL A 130 -23.69 -3.77 -15.44
CA VAL A 130 -24.68 -4.69 -14.91
C VAL A 130 -25.45 -3.95 -13.81
N HIS A 131 -26.77 -3.91 -13.95
CA HIS A 131 -27.59 -3.34 -12.89
C HIS A 131 -27.82 -4.34 -11.77
N TYR A 132 -28.01 -3.81 -10.55
CA TYR A 132 -28.32 -4.62 -9.36
C TYR A 132 -29.27 -5.77 -9.69
N SER A 133 -30.32 -5.50 -10.45
CA SER A 133 -31.35 -6.51 -10.73
C SER A 133 -30.85 -7.67 -11.57
N ASN A 134 -29.67 -7.58 -12.16
CA ASN A 134 -29.15 -8.62 -13.04
C ASN A 134 -27.92 -9.30 -12.45
N LEU A 135 -27.69 -9.17 -11.14
CA LEU A 135 -26.51 -9.74 -10.51
C LEU A 135 -26.64 -11.23 -10.20
N THR A 136 -27.85 -11.75 -10.04
CA THR A 136 -28.09 -13.20 -9.84
C THR A 136 -27.22 -13.75 -8.71
N GLY A 137 -27.16 -13.00 -7.61
CA GLY A 137 -26.49 -13.46 -6.42
C GLY A 137 -25.00 -13.16 -6.38
N ALA A 138 -24.43 -12.53 -7.42
CA ALA A 138 -22.99 -12.34 -7.46
C ALA A 138 -22.60 -11.15 -6.57
N LEU A 139 -21.40 -11.24 -5.98
CA LEU A 139 -20.89 -10.26 -5.04
C LEU A 139 -19.60 -9.61 -5.56
N ASP A 140 -19.21 -8.54 -4.90
CA ASP A 140 -18.07 -7.73 -5.34
C ASP A 140 -16.80 -8.59 -5.43
N GLY A 141 -16.16 -8.55 -6.59
CA GLY A 141 -14.94 -9.28 -6.82
C GLY A 141 -15.16 -10.68 -7.36
N ASP A 142 -16.38 -11.20 -7.35
CA ASP A 142 -16.65 -12.55 -7.84
C ASP A 142 -16.28 -12.66 -9.31
N LEU A 143 -15.77 -13.81 -9.72
CA LEU A 143 -15.67 -14.11 -11.13
C LEU A 143 -16.98 -14.77 -11.59
N VAL A 144 -17.61 -14.21 -12.63
CA VAL A 144 -18.92 -14.66 -13.06
C VAL A 144 -18.95 -15.00 -14.54
N GLU A 145 -19.87 -15.90 -14.89
CA GLU A 145 -20.26 -16.07 -16.29
C GLU A 145 -21.49 -15.25 -16.61
N PHE A 146 -21.44 -14.54 -17.73
CA PHE A 146 -22.47 -13.58 -18.08
C PHE A 146 -22.78 -13.64 -19.56
N CYS A 147 -23.95 -13.15 -19.91
CA CYS A 147 -24.41 -13.03 -21.28
C CYS A 147 -24.71 -11.56 -21.51
N LYS A 148 -24.55 -11.13 -22.75
CA LYS A 148 -24.86 -9.77 -23.14
C LYS A 148 -26.33 -9.75 -23.60
N LEU A 149 -27.14 -8.93 -22.94
CA LEU A 149 -28.59 -8.83 -23.12
C LEU A 149 -28.97 -8.42 -24.56
N ASP A 150 -30.14 -8.88 -25.02
CA ASP A 150 -30.64 -8.58 -26.37
C ASP A 150 -30.91 -7.10 -26.58
N LYS A 151 -31.30 -6.41 -25.50
CA LYS A 151 -31.68 -5.01 -25.58
C LYS A 151 -30.61 -4.10 -26.20
N PRO A 152 -31.06 -3.03 -26.92
CA PRO A 152 -30.14 -2.12 -27.63
C PRO A 152 -29.33 -1.28 -26.67
N GLN A 153 -28.05 -1.12 -27.00
CA GLN A 153 -27.14 -0.35 -26.15
C GLN A 153 -27.63 1.08 -25.91
N PHE A 154 -27.76 1.42 -24.62
CA PHE A 154 -28.16 2.76 -24.20
C PHE A 154 -27.10 3.77 -24.62
N GLY A 155 -25.84 3.37 -24.49
CA GLY A 155 -24.69 4.18 -24.87
C GLY A 155 -23.49 3.83 -24.03
N ASP A 156 -22.34 4.34 -24.45
CA ASP A 156 -21.09 4.13 -23.75
C ASP A 156 -20.54 2.71 -23.80
N LYS A 157 -21.31 1.74 -23.29
CA LYS A 157 -20.87 0.36 -23.22
C LYS A 157 -22.11 -0.53 -23.18
N PHE A 158 -21.89 -1.81 -23.43
CA PHE A 158 -22.97 -2.79 -23.39
C PHE A 158 -23.35 -3.03 -21.91
N ASP A 159 -24.59 -3.47 -21.69
CA ASP A 159 -25.16 -3.77 -20.38
C ASP A 159 -25.08 -5.29 -20.21
N ALA A 160 -24.92 -5.81 -19.00
CA ALA A 160 -24.83 -7.26 -19.05
C ALA A 160 -25.66 -7.91 -17.95
N ALA A 161 -25.85 -9.22 -18.10
CA ALA A 161 -26.44 -9.99 -17.03
C ALA A 161 -25.61 -11.23 -16.76
N VAL A 162 -25.50 -11.56 -15.49
CA VAL A 162 -24.79 -12.73 -14.99
C VAL A 162 -25.60 -14.02 -15.16
N ILE A 163 -24.93 -15.08 -15.61
CA ILE A 163 -25.60 -16.36 -15.75
C ILE A 163 -25.33 -17.26 -14.55
N THR A 164 -24.06 -17.39 -14.18
CA THR A 164 -23.67 -18.14 -12.99
C THR A 164 -22.42 -17.55 -12.40
N ILE A 165 -22.17 -17.92 -11.14
CA ILE A 165 -20.98 -17.49 -10.42
C ILE A 165 -19.97 -18.63 -10.58
N LEU A 166 -18.83 -18.33 -11.19
CA LEU A 166 -17.83 -19.38 -11.40
C LEU A 166 -16.92 -19.58 -10.20
N LYS A 167 -16.56 -18.50 -9.52
CA LYS A 167 -15.70 -18.59 -8.34
C LYS A 167 -15.94 -17.35 -7.51
N ARG A 168 -16.31 -17.57 -6.25
CA ARG A 168 -16.51 -16.50 -5.31
C ARG A 168 -15.19 -15.85 -4.93
N ALA A 169 -15.23 -14.51 -4.77
CA ALA A 169 -14.06 -13.76 -4.29
C ALA A 169 -13.68 -14.07 -2.84
N ARG A 170 -14.64 -14.44 -2.01
CA ARG A 170 -14.38 -14.64 -0.58
C ARG A 170 -15.11 -15.89 -0.13
N ILE A 171 -14.63 -16.49 0.96
CA ILE A 171 -15.36 -17.55 1.61
C ILE A 171 -15.92 -17.15 2.97
N LEU A 172 -15.31 -16.17 3.63
CA LEU A 172 -15.77 -15.61 4.90
C LEU A 172 -16.04 -14.13 4.73
N TYR A 173 -17.07 -13.66 5.43
CA TYR A 173 -17.48 -12.27 5.42
C TYR A 173 -17.62 -11.76 6.85
N ALA A 174 -17.26 -10.49 7.09
CA ALA A 174 -17.43 -9.96 8.44
C ALA A 174 -18.83 -9.39 8.59
N GLY A 175 -19.36 -9.43 9.81
CA GLY A 175 -20.66 -8.86 10.05
C GLY A 175 -20.91 -8.72 11.54
N ASN A 176 -21.99 -8.01 11.85
CA ASN A 176 -22.44 -7.84 13.23
C ASN A 176 -23.61 -8.80 13.50
N PHE A 177 -23.54 -9.54 14.60
CA PHE A 177 -24.59 -10.50 14.96
C PHE A 177 -25.56 -9.88 15.95
N LEU A 178 -26.85 -10.04 15.67
CA LEU A 178 -27.90 -9.52 16.54
C LEU A 178 -28.86 -10.63 16.92
N VAL A 179 -29.26 -10.63 18.19
CA VAL A 179 -30.25 -11.56 18.72
C VAL A 179 -31.25 -10.81 19.57
N ASP A 180 -32.52 -11.15 19.42
CA ASP A 180 -33.59 -10.59 20.23
C ASP A 180 -34.61 -11.67 20.53
N GLN A 181 -35.38 -11.47 21.60
CA GLN A 181 -36.46 -12.39 21.96
C GLN A 181 -37.77 -11.66 21.72
N ASN A 182 -38.65 -12.35 20.99
CA ASN A 182 -39.94 -11.91 20.48
C ASN A 182 -40.80 -13.13 20.70
N GLU A 183 -41.89 -12.93 21.43
CA GLU A 183 -42.72 -14.07 21.76
C GLU A 183 -41.76 -14.98 22.53
N PHE A 184 -41.91 -16.28 22.52
CA PHE A 184 -40.95 -17.17 23.16
C PHE A 184 -39.86 -17.68 22.25
N ALA A 185 -39.54 -16.92 21.20
CA ALA A 185 -38.58 -17.33 20.19
C ALA A 185 -37.49 -16.30 19.91
N LEU A 186 -36.27 -16.80 19.89
CA LEU A 186 -35.06 -16.08 19.53
C LEU A 186 -35.03 -15.76 18.05
N GLU A 187 -34.60 -14.55 17.71
CA GLU A 187 -34.43 -14.04 16.35
C GLU A 187 -33.04 -13.55 16.06
N TYR A 188 -32.46 -14.10 15.00
CA TYR A 188 -31.08 -13.83 14.62
C TYR A 188 -31.03 -12.99 13.35
N LYS A 189 -30.09 -12.04 13.34
CA LYS A 189 -29.83 -11.15 12.22
C LYS A 189 -28.34 -10.89 12.13
N ILE A 190 -27.85 -10.76 10.91
CA ILE A 190 -26.48 -10.32 10.63
C ILE A 190 -26.54 -9.13 9.67
N VAL A 191 -25.80 -8.08 10.01
CA VAL A 191 -25.58 -6.91 9.17
C VAL A 191 -24.14 -6.93 8.71
N ALA A 192 -23.94 -7.18 7.41
CA ALA A 192 -22.58 -7.28 6.89
C ALA A 192 -21.87 -5.94 7.01
N ASP A 193 -20.57 -6.02 7.31
CA ASP A 193 -19.74 -4.82 7.39
C ASP A 193 -19.62 -4.16 6.03
N ASN A 194 -19.53 -4.98 5.01
CA ASN A 194 -19.30 -4.48 3.67
C ASN A 194 -20.63 -4.01 3.09
N PRO A 195 -20.78 -2.73 2.74
CA PRO A 195 -22.06 -2.29 2.16
C PRO A 195 -22.37 -2.90 0.79
N ARG A 196 -21.38 -3.53 0.12
CA ARG A 196 -21.73 -4.23 -1.11
C ARG A 196 -22.28 -5.61 -0.86
N PHE A 197 -22.22 -6.11 0.37
CA PHE A 197 -22.89 -7.37 0.63
C PHE A 197 -24.37 -7.05 0.81
N TYR A 198 -25.14 -7.30 -0.25
CA TYR A 198 -26.53 -6.86 -0.33
C TYR A 198 -27.54 -7.96 -0.10
N LEU A 199 -27.09 -9.20 0.08
CA LEU A 199 -28.05 -10.29 0.18
C LEU A 199 -28.67 -10.22 1.57
N THR A 200 -29.95 -10.56 1.65
CA THR A 200 -30.66 -10.70 2.91
C THR A 200 -30.33 -12.07 3.49
N MET A 201 -29.98 -12.14 4.77
CA MET A 201 -29.40 -13.35 5.33
C MET A 201 -30.32 -14.08 6.30
N ILE A 202 -30.47 -15.41 6.07
CA ILE A 202 -31.12 -16.31 7.02
C ILE A 202 -30.04 -17.08 7.76
N VAL A 203 -29.96 -16.84 9.06
CA VAL A 203 -28.89 -17.39 9.88
C VAL A 203 -29.24 -18.82 10.30
N ASN A 204 -28.37 -19.76 9.99
CA ASN A 204 -28.48 -21.16 10.40
C ASN A 204 -28.34 -21.25 11.92
N PRO A 205 -29.40 -21.59 12.67
CA PRO A 205 -29.33 -21.52 14.14
C PRO A 205 -28.34 -22.48 14.77
N ASP A 206 -28.07 -23.62 14.14
CA ASP A 206 -27.08 -24.53 14.68
C ASP A 206 -25.68 -23.97 14.61
N SER A 207 -25.46 -22.88 13.90
CA SER A 207 -24.14 -22.25 13.89
C SER A 207 -23.97 -21.21 14.99
N ILE A 208 -24.99 -20.94 15.81
CA ILE A 208 -24.96 -19.85 16.77
C ILE A 208 -24.69 -20.49 18.18
N PRO A 209 -23.55 -20.18 18.76
CA PRO A 209 -23.36 -20.67 20.13
C PRO A 209 -24.46 -20.10 20.99
N ASN A 210 -24.85 -20.93 21.97
CA ASN A 210 -25.85 -20.51 22.94
C ASN A 210 -25.43 -19.22 23.62
N ASN A 211 -24.14 -19.02 23.86
CA ASN A 211 -23.63 -17.86 24.58
C ASN A 211 -23.32 -16.65 23.68
N LEU A 212 -23.61 -16.71 22.38
CA LEU A 212 -23.30 -15.59 21.50
C LEU A 212 -24.28 -14.44 21.74
N ALA A 213 -23.75 -13.31 22.19
CA ALA A 213 -24.55 -12.15 22.59
C ALA A 213 -24.71 -11.16 21.41
N SER A 214 -25.75 -10.32 21.50
CA SER A 214 -25.97 -9.25 20.54
C SER A 214 -24.79 -8.28 20.45
N ASN A 215 -24.64 -7.68 19.28
CA ASN A 215 -23.61 -6.69 19.01
C ASN A 215 -22.23 -7.33 19.17
N THR A 216 -22.06 -8.53 18.63
CA THR A 216 -20.75 -9.16 18.55
C THR A 216 -20.37 -9.27 17.08
N LYS A 217 -19.17 -8.79 16.74
CA LYS A 217 -18.64 -8.99 15.40
C LYS A 217 -18.32 -10.48 15.18
N ILE A 218 -18.74 -11.00 14.04
CA ILE A 218 -18.53 -12.40 13.69
C ILE A 218 -18.02 -12.47 12.26
N ALA A 219 -17.54 -13.64 11.87
CA ALA A 219 -17.34 -13.95 10.47
C ALA A 219 -18.29 -15.08 10.10
N PHE A 220 -18.93 -14.95 8.93
CA PHE A 220 -19.87 -15.96 8.43
C PHE A 220 -19.50 -16.41 7.01
N GLN A 221 -20.03 -17.56 6.62
CA GLN A 221 -19.93 -18.08 5.26
C GLN A 221 -21.33 -18.25 4.69
N ILE A 222 -21.42 -18.31 3.36
CA ILE A 222 -22.68 -18.56 2.65
C ILE A 222 -22.82 -20.05 2.49
N ASP A 223 -23.92 -20.59 3.00
CA ASP A 223 -24.21 -22.00 2.88
C ASP A 223 -25.03 -22.33 1.64
N GLU A 224 -25.97 -21.46 1.29
CA GLU A 224 -26.80 -21.63 0.10
C GLU A 224 -27.28 -20.25 -0.31
N TYR A 225 -27.68 -20.12 -1.57
CA TYR A 225 -28.23 -18.84 -1.95
C TYR A 225 -29.32 -19.06 -2.98
N ASP A 226 -30.25 -18.11 -3.04
CA ASP A 226 -31.37 -18.20 -3.97
C ASP A 226 -31.16 -17.08 -4.97
N PRO A 227 -30.69 -17.38 -6.18
CA PRO A 227 -30.35 -16.30 -7.12
C PRO A 227 -31.56 -15.48 -7.54
N ASP A 228 -32.77 -16.04 -7.41
CA ASP A 228 -33.98 -15.36 -7.83
C ASP A 228 -34.48 -14.36 -6.78
N ASN A 229 -34.08 -14.47 -5.49
CA ASN A 229 -34.60 -13.54 -4.49
C ASN A 229 -33.51 -12.84 -3.71
N ASN A 230 -32.26 -13.12 -4.01
CA ASN A 230 -31.12 -12.56 -3.32
C ASN A 230 -31.23 -12.65 -1.78
N LEU A 231 -31.72 -13.79 -1.29
CA LEU A 231 -31.78 -14.13 0.12
C LEU A 231 -30.82 -15.31 0.25
N CYS A 232 -30.09 -15.41 1.36
CA CYS A 232 -29.21 -16.56 1.54
C CYS A 232 -29.20 -17.10 2.95
N LYS A 233 -28.80 -18.37 3.06
CA LYS A 233 -28.57 -19.01 4.34
C LYS A 233 -27.09 -18.89 4.66
N VAL A 234 -26.81 -18.43 5.87
CA VAL A 234 -25.43 -18.23 6.33
C VAL A 234 -25.25 -18.92 7.68
N SER A 235 -23.99 -19.22 7.97
CA SER A 235 -23.50 -19.85 9.18
C SER A 235 -22.39 -19.00 9.77
N VAL A 236 -22.46 -18.75 11.08
CA VAL A 236 -21.34 -18.16 11.81
C VAL A 236 -20.18 -19.16 11.87
N GLN A 237 -18.99 -18.68 11.51
CA GLN A 237 -17.79 -19.50 11.53
C GLN A 237 -16.77 -19.10 12.55
N GLN A 238 -16.74 -17.82 12.91
CA GLN A 238 -15.81 -17.29 13.91
C GLN A 238 -16.53 -16.22 14.69
N VAL A 239 -16.25 -16.16 15.97
CA VAL A 239 -16.68 -15.05 16.82
C VAL A 239 -15.47 -14.14 17.04
N LEU A 240 -15.60 -12.87 16.66
CA LEU A 240 -14.40 -12.05 16.72
C LEU A 240 -14.36 -11.16 17.96
N GLY A 241 -15.51 -10.69 18.47
CA GLY A 241 -15.49 -9.93 19.70
C GLY A 241 -16.51 -8.82 19.63
N ASN A 242 -16.40 -7.89 20.59
CA ASN A 242 -17.38 -6.79 20.72
C ASN A 242 -17.40 -5.89 19.50
N ASN A 243 -18.60 -5.67 18.98
CA ASN A 243 -18.75 -4.93 17.75
C ASN A 243 -18.42 -3.45 17.95
N ASP A 244 -18.44 -2.96 19.19
CA ASP A 244 -18.12 -1.56 19.38
C ASP A 244 -16.66 -1.30 19.61
N ASP A 245 -15.83 -2.34 19.70
CA ASP A 245 -14.40 -2.18 19.92
C ASP A 245 -13.71 -1.85 18.62
N PRO A 246 -13.02 -0.72 18.50
CA PRO A 246 -12.45 -0.37 17.19
C PRO A 246 -11.41 -1.40 16.73
N LEU A 247 -10.65 -2.05 17.63
CA LEU A 247 -9.69 -3.03 17.17
C LEU A 247 -10.39 -4.25 16.57
N ILE A 248 -11.51 -4.66 17.14
CA ILE A 248 -12.25 -5.77 16.56
C ILE A 248 -12.71 -5.44 15.12
N ASN A 249 -13.12 -4.19 14.89
CA ASN A 249 -13.52 -3.77 13.54
C ASN A 249 -12.34 -3.78 12.57
N ILE A 250 -11.15 -3.41 13.05
CA ILE A 250 -9.96 -3.43 12.21
C ILE A 250 -9.61 -4.87 11.84
N LYS A 251 -9.74 -5.79 12.79
CA LYS A 251 -9.50 -7.20 12.50
C LYS A 251 -10.55 -7.77 11.56
N ALA A 252 -11.80 -7.35 11.71
CA ALA A 252 -12.83 -7.71 10.77
C ALA A 252 -12.51 -7.18 9.37
N ILE A 253 -11.99 -5.95 9.28
CA ILE A 253 -11.61 -5.38 7.99
C ILE A 253 -10.49 -6.20 7.34
N MET A 254 -9.50 -6.58 8.11
CA MET A 254 -8.44 -7.43 7.56
C MET A 254 -9.03 -8.74 7.05
N LEU A 255 -9.90 -9.37 7.86
CA LEU A 255 -10.58 -10.59 7.44
C LEU A 255 -11.37 -10.36 6.16
N ASP A 256 -12.13 -9.25 6.07
CA ASP A 256 -12.88 -8.94 4.85
C ASP A 256 -11.97 -8.67 3.65
N ASN A 257 -10.71 -8.32 3.88
CA ASN A 257 -9.79 -8.16 2.77
C ASN A 257 -8.87 -9.36 2.58
N SER A 258 -9.17 -10.50 3.24
CA SER A 258 -8.38 -11.74 3.08
C SER A 258 -6.94 -11.60 3.58
N ILE A 259 -6.71 -10.78 4.62
CA ILE A 259 -5.37 -10.48 5.15
C ILE A 259 -5.16 -11.35 6.40
N VAL A 260 -4.16 -12.24 6.38
CA VAL A 260 -3.92 -13.07 7.57
C VAL A 260 -3.38 -12.21 8.71
N PHE A 261 -3.96 -12.40 9.89
CA PHE A 261 -3.47 -11.73 11.10
C PHE A 261 -3.45 -12.59 12.34
N GLU A 262 -4.09 -13.76 12.34
CA GLU A 262 -4.15 -14.65 13.50
C GLU A 262 -2.83 -15.38 13.71
N THR A 263 -2.47 -15.55 14.98
CA THR A 263 -1.24 -16.26 15.27
C THR A 263 -1.31 -17.68 14.74
N ASN A 264 -0.21 -18.12 14.12
CA ASN A 264 -0.03 -19.46 13.57
C ASN A 264 0.86 -20.21 14.57
N ASP A 265 0.27 -21.11 15.37
CA ASP A 265 1.03 -21.70 16.47
C ASP A 265 2.26 -22.49 16.01
N VAL A 266 2.16 -23.29 14.94
CA VAL A 266 3.32 -24.03 14.45
C VAL A 266 4.46 -23.08 14.07
N VAL A 267 4.14 -22.00 13.35
CA VAL A 267 5.14 -21.02 12.92
C VAL A 267 5.80 -20.34 14.11
N GLU A 268 5.04 -19.99 15.14
CA GLU A 268 5.67 -19.37 16.31
C GLU A 268 6.62 -20.33 17.01
N GLN A 269 6.25 -21.61 17.10
CA GLN A 269 7.12 -22.60 17.73
C GLN A 269 8.39 -22.83 16.89
N HIS A 270 8.24 -22.93 15.56
CA HIS A 270 9.43 -23.01 14.72
C HIS A 270 10.33 -21.79 14.92
N ALA A 271 9.75 -20.60 14.97
CA ALA A 271 10.60 -19.42 15.13
C ALA A 271 11.29 -19.39 16.50
N ASN A 272 10.60 -19.85 17.56
CA ASN A 272 11.24 -19.86 18.88
C ASN A 272 12.42 -20.83 18.98
N LYS A 273 12.53 -21.79 18.07
CA LYS A 273 13.67 -22.71 18.04
C LYS A 273 14.94 -22.08 17.48
N LEU A 274 14.82 -21.00 16.71
CA LEU A 274 15.98 -20.40 16.08
C LEU A 274 16.85 -19.60 17.05
N SER A 275 18.16 -19.61 16.77
CA SER A 275 19.13 -18.91 17.61
C SER A 275 20.27 -18.42 16.71
N PHE A 276 21.13 -17.61 17.31
CA PHE A 276 22.28 -17.00 16.66
C PHE A 276 23.44 -17.98 16.57
N ASP A 277 23.79 -18.36 15.34
CA ASP A 277 24.91 -19.27 15.13
C ASP A 277 26.22 -18.49 15.13
N THR A 278 26.96 -18.67 16.22
CA THR A 278 28.22 -18.00 16.46
C THR A 278 29.31 -18.40 15.45
N GLU A 279 29.19 -19.58 14.87
CA GLU A 279 30.23 -20.03 13.97
C GLU A 279 30.12 -19.46 12.55
N GLU A 280 28.96 -18.90 12.18
CA GLU A 280 28.76 -18.39 10.82
C GLU A 280 29.70 -17.24 10.50
N GLN A 281 30.08 -16.45 11.51
CA GLN A 281 30.91 -15.29 11.29
C GLN A 281 32.34 -15.64 10.87
N HIS A 282 32.79 -16.86 11.09
CA HIS A 282 34.14 -17.23 10.69
C HIS A 282 34.19 -17.86 9.30
N LYS A 283 33.07 -17.95 8.59
CA LYS A 283 33.11 -18.41 7.21
C LYS A 283 33.96 -17.49 6.33
N ALA A 284 34.73 -18.11 5.44
CA ALA A 284 35.63 -17.35 4.58
C ALA A 284 34.84 -16.39 3.70
N TYR A 285 33.61 -16.74 3.33
CA TYR A 285 32.84 -15.88 2.45
C TYR A 285 32.22 -14.68 3.17
N ARG A 286 32.27 -14.64 4.50
CA ARG A 286 31.56 -13.62 5.26
C ARG A 286 32.56 -12.65 5.84
N GLN A 287 32.52 -11.42 5.34
CA GLN A 287 33.48 -10.40 5.74
C GLN A 287 33.16 -9.86 7.13
N ASP A 288 34.16 -9.79 8.01
CA ASP A 288 33.95 -9.27 9.37
C ASP A 288 34.05 -7.74 9.31
N LEU A 289 32.91 -7.06 9.46
CA LEU A 289 32.85 -5.61 9.42
C LEU A 289 32.48 -5.01 10.77
N THR A 290 32.67 -5.78 11.86
CA THR A 290 32.18 -5.41 13.19
C THR A 290 32.88 -4.18 13.78
N ASP A 291 33.99 -3.73 13.20
CA ASP A 291 34.65 -2.53 13.69
C ASP A 291 34.05 -1.26 13.12
N LEU A 292 33.28 -1.35 12.03
CA LEU A 292 32.83 -0.15 11.37
C LEU A 292 31.62 0.45 12.11
N ALA A 293 31.55 1.77 12.11
CA ALA A 293 30.53 2.49 12.87
C ALA A 293 29.19 2.54 12.13
N PHE A 294 28.65 1.37 11.80
CA PHE A 294 27.29 1.32 11.26
C PHE A 294 26.32 1.84 12.29
N VAL A 295 25.22 2.45 11.82
CA VAL A 295 24.12 2.88 12.69
C VAL A 295 22.80 2.69 11.94
N THR A 296 21.70 2.68 12.70
CA THR A 296 20.35 2.63 12.16
C THR A 296 19.62 3.93 12.40
N VAL A 297 18.80 4.33 11.43
CA VAL A 297 17.97 5.51 11.56
C VAL A 297 16.57 5.12 11.12
N ASP A 298 15.61 5.19 12.04
CA ASP A 298 14.27 4.66 11.81
C ASP A 298 13.28 5.51 12.59
N PRO A 299 11.98 5.35 12.31
CA PRO A 299 10.99 5.96 13.22
C PRO A 299 11.18 5.43 14.64
N THR A 300 10.89 6.30 15.61
CA THR A 300 11.17 6.02 17.01
C THR A 300 10.58 4.72 17.52
N THR A 301 9.36 4.36 17.09
CA THR A 301 8.67 3.17 17.58
C THR A 301 8.99 1.86 16.85
N SER A 302 9.71 1.86 15.73
CA SER A 302 9.84 0.61 14.98
C SER A 302 10.73 -0.36 15.74
N LYS A 303 10.35 -1.65 15.78
CA LYS A 303 11.33 -2.61 16.27
C LYS A 303 11.94 -3.55 15.23
N ASP A 304 11.46 -3.57 13.99
CA ASP A 304 12.07 -4.30 12.85
C ASP A 304 13.10 -3.43 12.14
N LEU A 305 14.38 -3.61 12.38
CA LEU A 305 15.31 -2.70 11.72
C LEU A 305 16.16 -3.49 10.74
N ALA A 306 15.85 -3.28 9.44
CA ALA A 306 16.38 -4.07 8.33
C ALA A 306 17.73 -3.55 7.83
N ASP A 307 18.01 -2.27 7.98
CA ASP A 307 19.07 -1.61 7.25
C ASP A 307 19.93 -0.76 8.19
N ALA A 308 21.25 -0.81 7.98
CA ALA A 308 22.21 -0.01 8.74
C ALA A 308 23.17 0.61 7.75
N ILE A 309 23.73 1.78 8.10
CA ILE A 309 24.60 2.50 7.17
C ILE A 309 25.89 2.94 7.82
N TYR A 310 26.94 2.95 7.00
CA TYR A 310 28.21 3.55 7.31
C TYR A 310 28.77 4.12 6.00
N VAL A 311 29.25 5.37 6.05
CA VAL A 311 29.84 6.00 4.86
C VAL A 311 31.21 6.55 5.24
N LYS A 312 32.22 6.23 4.43
CA LYS A 312 33.61 6.61 4.67
C LYS A 312 34.08 7.47 3.50
N THR A 313 34.90 8.47 3.80
CA THR A 313 35.53 9.30 2.78
C THR A 313 36.89 8.74 2.39
N ILE A 314 37.17 8.81 1.10
CA ILE A 314 38.46 8.47 0.50
C ILE A 314 38.91 9.68 -0.31
N PRO A 315 40.17 9.74 -0.76
CA PRO A 315 40.61 10.94 -1.51
C PRO A 315 39.80 11.20 -2.77
N THR A 316 39.44 10.16 -3.51
CA THR A 316 38.68 10.32 -4.74
C THR A 316 37.17 10.46 -4.53
N GLY A 317 36.68 10.33 -3.31
CA GLY A 317 35.24 10.45 -3.09
C GLY A 317 34.75 9.78 -1.82
N PHE A 318 33.83 8.83 -1.98
CA PHE A 318 33.16 8.20 -0.85
C PHE A 318 33.00 6.71 -1.10
N VAL A 319 32.91 5.96 -0.01
CA VAL A 319 32.49 4.55 -0.02
C VAL A 319 31.31 4.43 0.91
N LEU A 320 30.21 3.89 0.37
CA LEU A 320 28.96 3.66 1.09
C LEU A 320 28.80 2.19 1.40
N TYR A 321 28.45 1.89 2.64
CA TYR A 321 28.12 0.54 3.05
C TYR A 321 26.65 0.53 3.45
N VAL A 322 25.85 -0.25 2.70
CA VAL A 322 24.46 -0.50 3.04
C VAL A 322 24.38 -1.95 3.46
N ALA A 323 24.14 -2.16 4.75
CA ALA A 323 24.10 -3.48 5.34
C ALA A 323 22.64 -3.82 5.59
N ILE A 324 22.18 -4.93 5.00
CA ILE A 324 20.79 -5.37 5.08
C ILE A 324 20.73 -6.68 5.86
N ALA A 325 19.79 -6.78 6.79
CA ALA A 325 19.64 -7.99 7.58
C ALA A 325 19.58 -9.23 6.68
N ASP A 326 20.35 -10.26 7.07
CA ASP A 326 20.57 -11.50 6.30
C ASP A 326 19.46 -12.50 6.58
N VAL A 327 18.24 -12.16 6.13
CA VAL A 327 17.05 -12.95 6.48
C VAL A 327 17.12 -14.36 5.91
N ALA A 328 17.68 -14.50 4.71
CA ALA A 328 17.78 -15.82 4.06
C ALA A 328 18.65 -16.75 4.87
N HIS A 329 19.56 -16.22 5.67
CA HIS A 329 20.33 -17.11 6.52
C HIS A 329 19.47 -17.81 7.55
N TYR A 330 18.42 -17.15 8.03
CA TYR A 330 17.56 -17.76 9.05
C TYR A 330 16.34 -18.45 8.50
N VAL A 331 15.80 -17.99 7.37
CA VAL A 331 14.54 -18.50 6.84
C VAL A 331 14.82 -19.32 5.59
N ASN A 332 14.77 -20.65 5.72
CA ASN A 332 15.02 -21.52 4.58
C ASN A 332 13.81 -21.53 3.65
N ARG A 333 14.08 -21.57 2.35
CA ARG A 333 13.00 -21.56 1.36
C ARG A 333 12.05 -22.76 1.55
N ASN A 334 10.74 -22.52 1.56
CA ASN A 334 9.72 -23.58 1.68
C ASN A 334 9.64 -24.19 3.07
N SER A 335 10.31 -23.60 4.06
CA SER A 335 10.07 -23.93 5.46
C SER A 335 8.68 -23.41 5.86
N GLU A 336 8.20 -23.86 7.02
CA GLU A 336 6.92 -23.43 7.55
C GLU A 336 6.87 -21.90 7.68
N ILE A 337 7.96 -21.28 8.17
CA ILE A 337 8.02 -19.84 8.33
C ILE A 337 7.99 -19.15 6.98
N ASP A 338 8.75 -19.67 6.02
CA ASP A 338 8.81 -19.08 4.69
C ASP A 338 7.46 -19.13 3.99
N ILE A 339 6.77 -20.27 4.09
CA ILE A 339 5.49 -20.41 3.39
C ILE A 339 4.49 -19.39 3.91
N GLU A 340 4.47 -19.22 5.22
CA GLU A 340 3.59 -18.25 5.84
C GLU A 340 4.00 -16.84 5.40
N ALA A 341 5.31 -16.56 5.34
CA ALA A 341 5.78 -15.26 4.85
C ALA A 341 5.34 -15.03 3.40
N LYS A 342 5.39 -16.07 2.58
CA LYS A 342 4.99 -15.94 1.18
C LYS A 342 3.49 -15.63 1.08
N HIS A 343 2.67 -16.22 1.96
CA HIS A 343 1.24 -15.91 2.02
C HIS A 343 1.01 -14.45 2.40
N LYS A 344 1.66 -13.99 3.47
CA LYS A 344 1.48 -12.60 3.86
C LYS A 344 2.01 -11.64 2.81
N THR A 345 3.24 -11.90 2.33
CA THR A 345 3.96 -11.16 1.29
C THR A 345 4.57 -9.90 1.85
N SER A 346 4.14 -9.47 3.04
CA SER A 346 4.69 -8.26 3.60
C SER A 346 4.20 -8.01 5.01
N SER A 347 4.88 -7.12 5.72
CA SER A 347 4.39 -6.75 7.01
C SER A 347 3.33 -5.67 6.77
N ILE A 348 2.37 -5.60 7.66
CA ILE A 348 1.27 -4.63 7.63
C ILE A 348 1.38 -3.71 8.84
N TYR A 349 1.21 -2.43 8.60
CA TYR A 349 1.34 -1.43 9.65
C TYR A 349 -0.01 -0.72 9.73
N LEU A 350 -0.68 -0.85 10.89
CA LEU A 350 -1.99 -0.22 10.97
C LEU A 350 -1.95 0.86 12.03
N PRO A 351 -2.97 1.71 12.14
CA PRO A 351 -2.80 2.84 13.06
C PRO A 351 -2.57 2.49 14.50
N GLY A 352 -2.03 3.47 15.18
CA GLY A 352 -1.82 3.18 16.57
C GLY A 352 -0.88 2.17 17.18
N HIS A 353 0.15 1.64 16.50
CA HIS A 353 1.06 0.62 17.03
C HIS A 353 1.02 -0.72 16.33
N TYR A 354 -0.11 -1.06 15.73
CA TYR A 354 -0.46 -2.45 15.49
C TYR A 354 0.22 -2.94 14.21
N VAL A 355 1.04 -3.97 14.31
CA VAL A 355 1.81 -4.49 13.19
C VAL A 355 1.46 -5.96 13.04
N VAL A 356 1.14 -6.40 11.83
CA VAL A 356 1.10 -7.83 11.54
C VAL A 356 2.40 -8.14 10.80
N PRO A 357 3.36 -8.80 11.43
CA PRO A 357 4.67 -8.98 10.79
C PRO A 357 4.67 -10.09 9.76
N MET A 358 5.48 -9.90 8.71
CA MET A 358 5.58 -10.98 7.73
C MET A 358 6.25 -12.18 8.38
N LEU A 359 7.11 -11.93 9.35
CA LEU A 359 7.91 -12.97 10.00
C LEU A 359 7.63 -12.84 11.48
N PRO A 360 7.75 -13.90 12.29
CA PRO A 360 7.38 -13.75 13.69
C PRO A 360 8.35 -12.86 14.43
N GLU A 361 7.95 -12.49 15.63
CA GLU A 361 8.65 -11.42 16.35
C GLU A 361 10.09 -11.85 16.66
N GLN A 362 10.31 -13.13 17.04
CA GLN A 362 11.66 -13.54 17.41
C GLN A 362 12.63 -13.39 16.25
N LEU A 363 12.14 -13.37 15.01
CA LEU A 363 12.95 -13.00 13.85
C LEU A 363 12.84 -11.50 13.53
N SER A 364 11.61 -10.98 13.42
CA SER A 364 11.43 -9.65 12.85
C SER A 364 12.03 -8.55 13.74
N ASN A 365 12.03 -8.76 15.05
CA ASN A 365 12.44 -7.75 16.03
C ASN A 365 13.64 -8.13 16.88
N GLN A 366 14.14 -9.36 16.74
CA GLN A 366 15.24 -9.86 17.54
C GLN A 366 16.32 -10.42 16.63
N LEU A 367 16.18 -11.65 16.14
CA LEU A 367 17.32 -12.32 15.50
C LEU A 367 17.76 -11.68 14.20
N CYS A 368 16.89 -10.94 13.51
CA CYS A 368 17.33 -10.35 12.26
C CYS A 368 17.44 -8.84 12.34
N SER A 369 16.59 -8.21 13.13
CA SER A 369 16.63 -6.79 13.46
C SER A 369 18.02 -6.33 13.90
N LEU A 370 18.55 -5.32 13.21
CA LEU A 370 19.93 -4.88 13.43
C LEU A 370 19.92 -3.95 14.66
N ASN A 371 19.65 -4.57 15.81
CA ASN A 371 19.51 -3.85 17.06
C ASN A 371 20.88 -3.40 17.56
N PRO A 372 20.92 -2.26 18.24
CA PRO A 372 22.21 -1.75 18.73
C PRO A 372 22.97 -2.75 19.62
N ALA A 373 24.29 -2.78 19.45
CA ALA A 373 25.28 -3.48 20.27
C ALA A 373 25.28 -5.01 20.12
N GLN A 374 24.49 -5.56 19.21
CA GLN A 374 24.40 -6.99 18.94
C GLN A 374 25.10 -7.30 17.63
N LYS A 375 25.93 -8.33 17.63
CA LYS A 375 26.49 -8.82 16.39
C LYS A 375 25.37 -9.39 15.51
N ARG A 376 25.38 -9.00 14.24
CA ARG A 376 24.33 -9.39 13.29
C ARG A 376 24.90 -9.71 11.92
N TYR A 377 24.30 -10.68 11.27
CA TYR A 377 24.67 -11.10 9.92
C TYR A 377 23.85 -10.32 8.90
N VAL A 378 24.52 -9.85 7.86
CA VAL A 378 23.91 -8.93 6.91
C VAL A 378 24.42 -9.33 5.53
N VAL A 379 23.77 -8.76 4.52
CA VAL A 379 24.26 -8.75 3.14
C VAL A 379 24.55 -7.31 2.85
N VAL A 380 25.78 -7.03 2.40
CA VAL A 380 26.25 -5.67 2.22
C VAL A 380 26.31 -5.35 0.74
N CYS A 381 25.80 -4.17 0.38
CA CYS A 381 26.04 -3.54 -0.91
C CYS A 381 26.99 -2.38 -0.65
N GLU A 382 28.23 -2.50 -1.14
CA GLU A 382 29.24 -1.47 -0.93
C GLU A 382 29.50 -0.77 -2.24
N ILE A 383 29.31 0.55 -2.27
CA ILE A 383 29.43 1.32 -3.51
C ILE A 383 30.41 2.46 -3.25
N SER A 384 31.42 2.58 -4.11
CA SER A 384 32.37 3.69 -4.09
C SER A 384 31.94 4.76 -5.10
N PHE A 385 32.01 6.02 -4.69
CA PHE A 385 31.59 7.12 -5.54
C PHE A 385 32.78 8.06 -5.76
N ASP A 386 32.80 8.70 -6.93
CA ASP A 386 33.75 9.79 -7.09
C ASP A 386 33.19 11.05 -6.45
N ASN A 387 33.93 12.15 -6.52
CA ASN A 387 33.46 13.36 -5.87
C ASN A 387 32.29 13.98 -6.58
N GLN A 388 31.90 13.43 -7.74
CA GLN A 388 30.70 13.88 -8.39
C GLN A 388 29.50 12.98 -8.09
N GLY A 389 29.70 11.94 -7.30
CA GLY A 389 28.58 11.07 -7.00
C GLY A 389 28.25 10.08 -8.07
N ARG A 390 29.10 9.90 -9.07
CA ARG A 390 28.81 8.91 -10.09
C ARG A 390 29.35 7.60 -9.58
N ILE A 391 28.56 6.52 -9.72
CA ILE A 391 29.03 5.26 -9.19
C ILE A 391 30.28 4.86 -9.94
N LYS A 392 31.33 4.51 -9.20
CA LYS A 392 32.57 4.02 -9.79
C LYS A 392 32.62 2.49 -9.72
N THR A 393 32.45 1.93 -8.53
CA THR A 393 32.45 0.48 -8.40
C THR A 393 31.38 0.06 -7.40
N ASN A 394 31.12 -1.24 -7.39
CA ASN A 394 30.22 -1.83 -6.41
C ASN A 394 30.65 -3.27 -6.17
N LYS A 395 30.38 -3.76 -4.95
CA LYS A 395 30.51 -5.16 -4.57
C LYS A 395 29.38 -5.55 -3.62
N LEU A 396 28.91 -6.77 -3.75
CA LEU A 396 27.93 -7.37 -2.84
C LEU A 396 28.56 -8.54 -2.15
N TYR A 397 28.33 -8.67 -0.83
CA TYR A 397 28.93 -9.80 -0.13
C TYR A 397 28.30 -9.96 1.25
N PRO A 398 28.23 -11.18 1.80
CA PRO A 398 27.78 -11.34 3.19
C PRO A 398 28.79 -10.79 4.17
N ALA A 399 28.29 -10.31 5.32
CA ALA A 399 29.17 -9.73 6.32
C ALA A 399 28.61 -9.92 7.72
N THR A 400 29.40 -9.49 8.71
CA THR A 400 28.98 -9.37 10.09
C THR A 400 29.17 -7.92 10.53
N ILE A 401 28.18 -7.35 11.21
CA ILE A 401 28.28 -6.00 11.74
C ILE A 401 27.81 -5.95 13.19
N ILE A 402 28.12 -4.83 13.83
CA ILE A 402 27.50 -4.43 15.08
C ILE A 402 27.02 -2.99 14.94
N SER A 403 25.71 -2.78 14.94
CA SER A 403 25.22 -1.41 14.92
C SER A 403 25.68 -0.75 16.21
N LYS A 404 26.18 0.47 16.08
CA LYS A 404 26.72 1.23 17.20
C LYS A 404 25.66 2.09 17.90
N ASN A 405 24.59 2.46 17.20
CA ASN A 405 23.55 3.32 17.74
C ASN A 405 22.24 3.05 17.02
N ARG A 406 21.16 3.12 17.77
CA ARG A 406 19.82 3.07 17.21
C ARG A 406 19.23 4.48 17.32
N PHE A 407 19.09 5.15 16.18
CA PHE A 407 18.60 6.52 16.12
C PHE A 407 17.17 6.55 15.58
N SER A 408 16.42 7.56 16.03
CA SER A 408 15.15 7.90 15.42
C SER A 408 15.31 9.03 14.42
N TYR A 409 14.39 9.10 13.45
CA TYR A 409 14.31 10.28 12.59
C TYR A 409 14.23 11.56 13.39
N ASP A 410 13.45 11.57 14.46
CA ASP A 410 13.28 12.79 15.26
C ASP A 410 14.61 13.24 15.84
N GLN A 411 15.39 12.28 16.34
CA GLN A 411 16.67 12.62 16.92
C GLN A 411 17.63 13.20 15.89
N VAL A 412 17.70 12.61 14.69
CA VAL A 412 18.68 13.05 13.71
C VAL A 412 18.29 14.41 13.13
N ASN A 413 17.01 14.62 12.86
CA ASN A 413 16.55 15.92 12.34
C ASN A 413 16.74 17.03 13.36
N LYS A 414 16.40 16.79 14.62
CA LYS A 414 16.62 17.82 15.63
C LYS A 414 18.11 18.14 15.77
N TRP A 415 18.97 17.12 15.73
CA TRP A 415 20.41 17.37 15.72
C TRP A 415 20.83 18.18 14.50
N LEU A 416 20.21 17.92 13.34
CA LEU A 416 20.58 18.67 12.14
C LEU A 416 20.36 20.16 12.37
N ASN A 417 19.26 20.54 13.02
CA ASN A 417 18.98 21.95 13.22
C ASN A 417 19.71 22.52 14.45
N ASN A 418 20.73 21.81 14.96
CA ASN A 418 21.55 22.22 16.11
C ASN A 418 20.69 22.52 17.34
N LYS A 419 19.45 22.05 17.34
CA LYS A 419 18.61 22.20 18.51
C LYS A 419 19.02 21.25 19.63
N SER A 420 19.21 19.97 19.31
CA SER A 420 19.68 19.00 20.28
C SER A 420 20.85 18.23 19.70
N GLU A 421 21.40 17.28 20.47
CA GLU A 421 22.53 16.50 19.98
C GLU A 421 22.41 15.05 20.47
N LEU A 422 23.03 14.15 19.70
CA LEU A 422 23.02 12.68 19.82
C LEU A 422 24.30 12.13 20.48
N ASN A 423 24.13 11.22 21.44
CA ASN A 423 25.20 10.58 22.23
C ASN A 423 25.88 9.37 21.56
N CYS A 424 26.96 9.65 20.81
CA CYS A 424 27.65 8.60 20.06
C CYS A 424 29.11 8.98 19.83
N ASP A 425 29.90 7.97 19.44
CA ASP A 425 31.30 8.15 19.13
C ASP A 425 31.48 9.10 17.95
N GLU A 426 32.66 9.73 17.91
CA GLU A 426 33.00 10.64 16.82
C GLU A 426 33.05 9.96 15.46
N THR A 427 33.42 8.68 15.40
CA THR A 427 33.38 7.98 14.12
C THR A 427 31.96 7.94 13.54
N VAL A 428 30.93 7.84 14.39
CA VAL A 428 29.55 7.87 13.94
C VAL A 428 29.18 9.26 13.42
N ILE A 429 29.57 10.32 14.14
CA ILE A 429 29.30 11.69 13.71
C ILE A 429 29.88 11.94 12.33
N ASN A 430 31.10 11.46 12.10
CA ASN A 430 31.75 11.74 10.83
C ASN A 430 31.08 10.96 9.70
N SER A 431 30.62 9.74 10.00
CA SER A 431 29.92 8.94 9.00
C SER A 431 28.56 9.56 8.69
N LEU A 432 27.86 10.06 9.72
CA LEU A 432 26.57 10.69 9.45
C LEU A 432 26.73 11.96 8.65
N LYS A 433 27.74 12.78 8.97
CA LYS A 433 27.96 13.99 8.17
C LYS A 433 28.32 13.60 6.74
N ALA A 434 29.20 12.61 6.58
CA ALA A 434 29.55 12.13 5.23
C ALA A 434 28.35 11.48 4.51
N ALA A 435 27.47 10.81 5.25
CA ALA A 435 26.27 10.22 4.65
C ALA A 435 25.37 11.32 4.07
N PHE A 436 25.22 12.43 4.79
CA PHE A 436 24.37 13.51 4.30
C PHE A 436 25.00 14.17 3.08
N THR A 437 26.32 14.36 3.09
CA THR A 437 26.94 14.96 1.92
C THR A 437 26.70 14.09 0.70
N LEU A 438 26.95 12.78 0.82
CA LEU A 438 26.65 11.87 -0.28
C LEU A 438 25.20 11.91 -0.68
N SER A 439 24.28 11.95 0.30
CA SER A 439 22.87 11.89 -0.04
C SER A 439 22.42 13.10 -0.86
N ASP A 440 22.86 14.31 -0.47
CA ASP A 440 22.53 15.51 -1.26
C ASP A 440 23.12 15.42 -2.65
N LEU A 441 24.35 14.90 -2.72
CA LEU A 441 25.02 14.70 -4.00
C LEU A 441 24.27 13.70 -4.87
N ILE A 442 23.90 12.54 -4.31
CA ILE A 442 23.13 11.52 -5.02
C ILE A 442 21.81 12.07 -5.51
N GLN A 443 21.14 12.85 -4.66
CA GLN A 443 19.86 13.43 -5.02
C GLN A 443 20.03 14.28 -6.28
N ALA A 444 21.13 15.01 -6.36
CA ALA A 444 21.35 15.87 -7.52
C ALA A 444 21.58 15.03 -8.78
N GLN A 445 22.29 13.91 -8.65
CA GLN A 445 22.49 13.03 -9.80
C GLN A 445 21.16 12.42 -10.24
N ARG A 446 20.29 12.08 -9.30
CA ARG A 446 19.01 11.49 -9.68
C ARG A 446 18.12 12.49 -10.40
N GLN A 447 18.15 13.77 -9.99
CA GLN A 447 17.34 14.77 -10.69
C GLN A 447 17.86 15.01 -12.10
N LYS A 448 19.18 14.97 -12.27
CA LYS A 448 19.81 15.18 -13.58
C LYS A 448 19.40 14.09 -14.55
N ARG A 449 19.40 12.84 -14.10
CA ARG A 449 19.07 11.72 -14.97
C ARG A 449 17.57 11.64 -15.26
N GLY A 450 16.74 12.20 -14.39
CA GLY A 450 15.32 12.21 -14.61
C GLY A 450 14.69 11.47 -13.45
N THR A 451 13.90 12.14 -12.64
CA THR A 451 13.21 11.47 -11.53
C THR A 451 12.07 12.41 -11.18
N ILE A 452 10.94 11.83 -10.82
CA ILE A 452 9.70 12.58 -10.61
C ILE A 452 9.43 12.61 -9.10
N ASP A 453 9.52 13.80 -8.50
CA ASP A 453 9.17 13.94 -7.08
C ASP A 453 7.66 14.15 -6.95
N LEU A 454 6.97 13.09 -6.54
CA LEU A 454 5.53 13.05 -6.38
C LEU A 454 5.09 13.22 -4.91
N SER A 455 5.91 13.85 -4.07
CA SER A 455 5.52 14.11 -2.68
C SER A 455 4.21 14.89 -2.58
N HIS A 456 3.39 14.51 -1.62
CA HIS A 456 2.16 15.21 -1.30
C HIS A 456 1.79 14.94 0.16
N LYS A 457 0.71 15.60 0.61
CA LYS A 457 0.20 15.46 1.98
C LYS A 457 -0.15 14.02 2.34
N GLU A 458 0.29 13.59 3.53
CA GLU A 458 -0.02 12.26 4.04
C GLU A 458 -0.38 12.38 5.52
N THR A 459 -1.20 11.44 6.02
CA THR A 459 -1.68 11.55 7.39
C THR A 459 -1.58 10.21 8.10
N GLU A 460 -1.66 10.28 9.44
CA GLU A 460 -1.79 9.11 10.28
C GLU A 460 -2.83 9.40 11.35
N ILE A 461 -3.48 8.36 11.82
CA ILE A 461 -4.49 8.41 12.84
C ILE A 461 -3.89 8.03 14.20
N VAL A 462 -3.99 8.93 15.17
CA VAL A 462 -3.59 8.65 16.55
C VAL A 462 -4.75 8.02 17.31
N VAL A 463 -4.49 6.89 17.96
CA VAL A 463 -5.50 6.26 18.80
C VAL A 463 -5.00 6.22 20.25
N ASP A 464 -5.96 6.13 21.18
CA ASP A 464 -5.67 6.00 22.61
C ASP A 464 -5.44 4.54 22.98
N GLU A 465 -5.35 4.29 24.29
CA GLU A 465 -4.98 2.97 24.81
C GLU A 465 -6.06 1.93 24.54
N HIS A 466 -7.28 2.37 24.26
CA HIS A 466 -8.38 1.47 23.92
C HIS A 466 -8.65 1.43 22.41
N TYR A 467 -7.72 1.95 21.60
CA TYR A 467 -7.78 1.93 20.14
C TYR A 467 -8.84 2.88 19.60
N PHE A 468 -9.31 3.78 20.42
CA PHE A 468 -10.22 4.83 19.95
C PHE A 468 -9.43 5.98 19.33
N PRO A 469 -9.85 6.51 18.18
CA PRO A 469 -9.07 7.56 17.52
C PRO A 469 -9.18 8.91 18.23
N ILE A 470 -8.05 9.60 18.33
CA ILE A 470 -7.92 10.87 19.03
C ILE A 470 -7.79 12.04 18.05
N LYS A 471 -6.89 11.93 17.08
CA LYS A 471 -6.66 13.02 16.16
C LYS A 471 -5.91 12.49 14.93
N ILE A 472 -5.85 13.36 13.92
CA ILE A 472 -5.13 13.10 12.68
C ILE A 472 -3.93 14.04 12.63
N ASN A 473 -2.77 13.47 12.33
CA ASN A 473 -1.51 14.19 12.21
C ASN A 473 -1.05 14.24 10.77
N PHE A 474 -0.46 15.36 10.37
CA PHE A 474 0.22 15.39 9.08
C PHE A 474 1.66 14.94 9.27
N LEU A 475 2.07 13.97 8.44
CA LEU A 475 3.44 13.50 8.40
C LEU A 475 4.37 14.46 7.69
N VAL A 476 5.64 14.45 8.10
CA VAL A 476 6.65 15.33 7.50
C VAL A 476 7.66 14.35 6.93
N HIS A 477 8.41 14.79 5.94
CA HIS A 477 9.45 13.95 5.36
C HIS A 477 10.70 14.81 5.26
N ASP A 478 11.42 14.90 6.38
CA ASP A 478 12.55 15.80 6.53
C ASP A 478 13.82 15.24 5.89
N LYS A 479 14.93 15.93 6.15
CA LYS A 479 16.27 15.59 5.69
C LYS A 479 16.71 14.17 6.05
N ALA A 480 16.53 13.75 7.30
CA ALA A 480 17.02 12.42 7.67
C ALA A 480 16.25 11.33 6.93
N GLU A 481 14.94 11.49 6.77
CA GLU A 481 14.18 10.49 6.02
C GLU A 481 14.59 10.53 4.55
N THR A 482 14.83 11.74 4.03
CA THR A 482 15.31 11.91 2.67
C THR A 482 16.70 11.32 2.48
N MET A 483 17.56 11.44 3.50
CA MET A 483 18.92 10.90 3.41
C MET A 483 18.88 9.37 3.30
N ILE A 484 18.10 8.72 4.17
CA ILE A 484 18.08 7.26 4.13
C ILE A 484 17.53 6.82 2.78
N GLU A 485 16.42 7.43 2.35
CA GLU A 485 15.80 7.09 1.07
C GLU A 485 16.79 7.10 -0.07
N ASN A 486 17.66 8.11 -0.13
CA ASN A 486 18.62 8.16 -1.23
C ASN A 486 19.61 7.00 -1.15
N LEU A 487 20.08 6.67 0.05
CA LEU A 487 21.02 5.55 0.07
C LEU A 487 20.33 4.23 -0.23
N MET A 488 19.07 4.05 0.19
CA MET A 488 18.39 2.79 -0.10
C MET A 488 18.12 2.65 -1.60
N VAL A 489 17.71 3.74 -2.25
CA VAL A 489 17.42 3.67 -3.69
C VAL A 489 18.65 3.28 -4.50
N VAL A 490 19.81 3.83 -4.16
CA VAL A 490 21.01 3.53 -4.94
C VAL A 490 21.45 2.06 -4.79
N ALA A 491 21.26 1.48 -3.60
CA ALA A 491 21.53 0.06 -3.40
C ALA A 491 20.57 -0.82 -4.19
N ASN A 492 19.26 -0.54 -4.08
CA ASN A 492 18.23 -1.28 -4.82
C ASN A 492 18.56 -1.29 -6.30
N GLU A 493 18.87 -0.10 -6.84
CA GLU A 493 19.20 0.01 -8.27
C GLU A 493 20.49 -0.74 -8.58
N THR A 494 21.49 -0.64 -7.70
CA THR A 494 22.74 -1.36 -7.95
C THR A 494 22.50 -2.88 -8.00
N VAL A 495 21.73 -3.42 -7.05
CA VAL A 495 21.46 -4.86 -7.04
C VAL A 495 20.68 -5.29 -8.28
N ALA A 496 19.69 -4.50 -8.67
CA ALA A 496 18.97 -4.79 -9.91
C ALA A 496 19.95 -4.93 -11.09
N TRP A 497 20.91 -4.00 -11.21
CA TRP A 497 21.83 -4.08 -12.34
C TRP A 497 22.80 -5.27 -12.22
N VAL A 498 23.27 -5.57 -11.00
CA VAL A 498 24.19 -6.69 -10.84
C VAL A 498 23.53 -7.99 -11.26
N LEU A 499 22.31 -8.24 -10.78
CA LEU A 499 21.62 -9.45 -11.17
C LEU A 499 21.34 -9.49 -12.67
N THR A 500 20.93 -8.35 -13.26
CA THR A 500 20.68 -8.31 -14.70
C THR A 500 21.96 -8.57 -15.49
N ASN A 501 23.07 -7.93 -15.11
CA ASN A 501 24.36 -8.10 -15.78
C ASN A 501 24.84 -9.53 -15.73
N ASN A 502 24.53 -10.25 -14.65
CA ASN A 502 24.92 -11.62 -14.52
C ASN A 502 23.89 -12.54 -15.14
N LYS A 503 22.87 -11.96 -15.80
CA LYS A 503 21.84 -12.74 -16.49
C LYS A 503 21.10 -13.67 -15.54
N ILE A 504 20.70 -13.13 -14.40
CA ILE A 504 19.91 -13.87 -13.42
C ILE A 504 18.50 -13.31 -13.47
N ALA A 505 17.52 -14.16 -13.79
CA ALA A 505 16.14 -13.70 -13.75
C ALA A 505 15.76 -13.24 -12.34
N LEU A 506 15.07 -12.11 -12.23
CA LEU A 506 14.70 -11.58 -10.93
C LEU A 506 13.37 -10.85 -11.00
N PRO A 507 12.71 -10.62 -9.92
CA PRO A 507 11.53 -9.73 -9.87
C PRO A 507 11.95 -8.25 -9.76
N TYR A 508 11.74 -7.48 -10.83
CA TYR A 508 11.94 -6.05 -10.83
C TYR A 508 10.78 -5.33 -10.17
N ARG A 509 11.04 -4.12 -9.66
CA ARG A 509 9.99 -3.17 -9.31
C ARG A 509 9.87 -2.26 -10.50
N VAL A 510 8.70 -2.29 -11.15
CA VAL A 510 8.49 -1.65 -12.44
C VAL A 510 7.35 -0.64 -12.32
N HIS A 511 7.36 0.27 -13.24
CA HIS A 511 6.42 1.38 -13.39
C HIS A 511 6.38 1.89 -14.83
N PRO A 512 5.47 1.40 -15.67
CA PRO A 512 5.58 1.72 -17.11
C PRO A 512 5.26 3.17 -17.37
N ARG A 513 5.74 3.63 -18.52
CA ARG A 513 5.38 4.95 -19.03
C ARG A 513 3.87 4.98 -19.21
N PRO A 514 3.19 6.08 -18.87
CA PRO A 514 1.73 6.10 -19.04
C PRO A 514 1.34 6.31 -20.50
N SER A 515 0.14 5.85 -20.82
CA SER A 515 -0.29 5.87 -22.22
C SER A 515 -0.49 7.31 -22.70
N LYS A 516 -0.47 7.47 -24.02
CA LYS A 516 -0.75 8.79 -24.58
C LYS A 516 -2.17 9.24 -24.26
N LYS A 517 -3.15 8.32 -24.31
CA LYS A 517 -4.53 8.72 -24.04
C LYS A 517 -4.72 9.24 -22.62
N LYS A 518 -4.14 8.55 -21.62
CA LYS A 518 -4.30 9.00 -20.24
C LYS A 518 -3.64 10.36 -20.01
N LEU A 519 -2.47 10.59 -20.59
CA LEU A 519 -1.84 11.90 -20.46
C LEU A 519 -2.69 13.01 -21.06
N GLN A 520 -3.19 12.83 -22.29
CA GLN A 520 -4.03 13.87 -22.89
C GLN A 520 -5.25 14.15 -22.02
N SER A 521 -5.88 13.09 -21.48
CA SER A 521 -7.01 13.30 -20.58
C SER A 521 -6.57 14.17 -19.41
N LEU A 522 -5.41 13.88 -18.84
CA LEU A 522 -4.87 14.68 -17.74
C LEU A 522 -4.71 16.14 -18.17
N ILE A 523 -4.15 16.36 -19.38
CA ILE A 523 -3.85 17.71 -19.86
C ILE A 523 -5.11 18.58 -19.93
N GLU A 524 -6.23 18.02 -20.37
CA GLU A 524 -7.44 18.82 -20.49
C GLU A 524 -7.99 19.15 -19.12
N THR A 525 -7.99 18.17 -18.22
CA THR A 525 -8.51 18.37 -16.87
C THR A 525 -7.79 19.51 -16.15
N VAL A 526 -6.45 19.54 -16.24
CA VAL A 526 -5.64 20.49 -15.50
C VAL A 526 -5.61 21.89 -16.13
N GLY A 527 -5.95 22.03 -17.41
CA GLY A 527 -6.03 23.38 -17.96
C GLY A 527 -7.04 24.28 -17.27
N GLU A 528 -8.16 23.72 -16.78
CA GLU A 528 -9.09 24.54 -16.00
C GLU A 528 -8.49 24.95 -14.67
N LEU A 529 -7.32 24.44 -14.31
CA LEU A 529 -6.74 24.84 -13.04
C LEU A 529 -5.57 25.78 -13.31
N ASN A 530 -5.41 26.22 -14.56
CA ASN A 530 -4.35 27.14 -14.97
C ASN A 530 -2.97 26.52 -14.88
N ILE A 531 -2.91 25.19 -14.89
CA ILE A 531 -1.64 24.50 -15.09
C ILE A 531 -1.22 24.62 -16.55
N THR A 532 0.08 24.92 -16.75
CA THR A 532 0.58 25.18 -18.10
C THR A 532 0.29 23.97 -18.99
N LYS A 533 0.18 24.22 -20.29
CA LYS A 533 0.13 23.11 -21.23
C LYS A 533 1.55 22.65 -21.52
N PRO A 534 1.85 21.37 -21.38
CA PRO A 534 3.22 20.90 -21.62
C PRO A 534 3.55 20.84 -23.09
N GLN A 535 4.84 20.95 -23.40
CA GLN A 535 5.33 20.98 -24.77
C GLN A 535 5.88 19.65 -25.24
N PHE A 536 6.01 18.66 -24.36
CA PHE A 536 6.68 17.44 -24.76
C PHE A 536 5.76 16.58 -25.64
N ASN A 537 6.38 15.69 -26.42
CA ASN A 537 5.68 14.67 -27.20
C ASN A 537 5.07 13.62 -26.27
N LEU A 538 3.79 13.32 -26.49
CA LEU A 538 3.04 12.46 -25.59
C LEU A 538 3.40 10.96 -25.72
N ASP A 539 3.90 10.51 -26.87
CA ASP A 539 4.37 9.12 -27.00
C ASP A 539 5.73 8.87 -26.37
N THR A 540 6.56 9.90 -26.28
CA THR A 540 7.98 9.73 -25.94
C THR A 540 8.37 10.38 -24.62
N VAL A 541 7.41 10.98 -23.89
CA VAL A 541 7.74 11.88 -22.77
C VAL A 541 8.62 11.16 -21.74
N THR A 542 9.67 11.82 -21.31
CA THR A 542 10.60 11.23 -20.34
C THR A 542 10.28 11.63 -18.89
N SER A 543 10.88 10.87 -17.96
CA SER A 543 10.77 11.26 -16.54
C SER A 543 11.25 12.68 -16.35
N SER A 544 12.36 13.03 -17.00
CA SER A 544 12.91 14.37 -16.85
C SER A 544 11.91 15.43 -17.28
N GLN A 545 11.19 15.14 -18.37
CA GLN A 545 10.23 16.12 -18.91
C GLN A 545 8.99 16.26 -18.02
N ILE A 546 8.47 15.16 -17.43
CA ILE A 546 7.36 15.32 -16.47
C ILE A 546 7.82 16.11 -15.26
N ALA A 547 9.03 15.84 -14.73
CA ALA A 547 9.53 16.59 -13.59
C ALA A 547 9.62 18.08 -13.91
N SER A 548 10.14 18.42 -15.10
CA SER A 548 10.24 19.83 -15.47
C SER A 548 8.85 20.46 -15.56
N TRP A 549 7.88 19.71 -16.09
CA TRP A 549 6.49 20.16 -16.17
C TRP A 549 5.90 20.46 -14.80
N LEU A 550 6.07 19.57 -13.83
CA LEU A 550 5.64 19.91 -12.48
C LEU A 550 6.31 21.18 -12.02
N ASN A 551 7.60 21.29 -12.31
CA ASN A 551 8.37 22.43 -11.83
C ASN A 551 7.88 23.75 -12.38
N GLU A 552 7.49 23.80 -13.63
CA GLU A 552 7.08 25.11 -14.10
C GLU A 552 5.71 25.50 -13.51
N ASN A 553 5.12 24.66 -12.62
CA ASN A 553 3.85 24.94 -11.95
C ASN A 553 3.84 24.95 -10.41
N LYS A 554 4.96 24.91 -9.67
CA LYS A 554 4.90 24.77 -8.20
C LYS A 554 4.14 25.85 -7.45
N ASP A 555 4.10 27.05 -8.01
CA ASP A 555 3.48 28.16 -7.30
C ASP A 555 2.00 28.24 -7.53
N ASN A 556 1.46 27.38 -8.38
CA ASN A 556 0.03 27.42 -8.64
C ASN A 556 -0.69 27.03 -7.35
N PRO A 557 -1.74 27.75 -6.96
CA PRO A 557 -2.49 27.36 -5.75
C PRO A 557 -3.04 25.95 -5.77
N SER A 558 -3.21 25.35 -6.94
CA SER A 558 -3.77 24.02 -7.07
C SER A 558 -2.71 22.94 -7.33
N TYR A 559 -1.45 23.21 -6.96
CA TYR A 559 -0.39 22.24 -7.19
C TYR A 559 -0.67 20.91 -6.47
N GLU A 560 -1.32 20.95 -5.31
CA GLU A 560 -1.55 19.72 -4.58
C GLU A 560 -2.47 18.80 -5.36
N ILE A 561 -3.58 19.33 -5.89
CA ILE A 561 -4.50 18.48 -6.66
C ILE A 561 -3.85 18.07 -7.99
N PHE A 562 -2.98 18.91 -8.55
CA PHE A 562 -2.20 18.54 -9.73
C PHE A 562 -1.44 17.24 -9.49
N VAL A 563 -0.69 17.19 -8.39
CA VAL A 563 0.08 15.98 -8.11
C VAL A 563 -0.86 14.80 -7.91
N ILE A 564 -1.99 15.01 -7.20
CA ILE A 564 -2.97 13.92 -7.04
C ILE A 564 -3.39 13.37 -8.39
N LEU A 565 -3.81 14.26 -9.31
CA LEU A 565 -4.28 13.78 -10.61
C LEU A 565 -3.15 13.14 -11.41
N LEU A 566 -1.93 13.69 -11.32
CA LEU A 566 -0.79 13.08 -12.02
C LEU A 566 -0.51 11.67 -11.48
N LEU A 567 -0.60 11.49 -10.17
CA LEU A 567 -0.39 10.17 -9.57
C LEU A 567 -1.38 9.12 -10.09
N ARG A 568 -2.66 9.50 -10.29
CA ARG A 568 -3.63 8.56 -10.85
C ARG A 568 -3.39 8.29 -12.33
N THR A 569 -3.07 9.34 -13.06
CA THR A 569 -2.68 9.18 -14.45
C THR A 569 -1.49 8.24 -14.62
N LEU A 570 -0.50 8.35 -13.74
CA LEU A 570 0.72 7.56 -13.83
C LEU A 570 0.45 6.09 -13.46
N GLY A 571 -0.53 5.83 -12.60
CA GLY A 571 -0.86 4.49 -12.19
C GLY A 571 0.05 3.75 -11.21
N LYS A 572 -0.31 2.49 -11.01
CA LYS A 572 0.31 1.60 -10.03
C LYS A 572 1.70 1.17 -10.45
N ALA A 573 2.66 1.19 -9.50
CA ALA A 573 3.87 0.38 -9.71
C ALA A 573 3.61 -1.05 -9.25
N PHE A 574 4.41 -1.99 -9.76
CA PHE A 574 4.21 -3.40 -9.42
C PHE A 574 5.50 -4.18 -9.68
N TYR A 575 5.47 -5.48 -9.36
CA TYR A 575 6.61 -6.35 -9.60
C TYR A 575 6.40 -7.16 -10.88
N SER A 576 7.50 -7.42 -11.60
CA SER A 576 7.52 -8.15 -12.87
C SER A 576 8.89 -8.75 -13.11
N VAL A 577 8.90 -9.98 -13.64
CA VAL A 577 10.16 -10.58 -14.04
C VAL A 577 10.63 -10.00 -15.37
N ASN A 578 9.72 -9.42 -16.16
CA ASN A 578 10.11 -8.78 -17.41
C ASN A 578 10.82 -7.46 -17.12
N PRO A 579 11.82 -7.22 -17.76
CA PRO A 579 12.65 -6.04 -17.50
C PRO A 579 12.04 -4.77 -18.08
N LEU A 580 11.01 -4.27 -17.40
CA LEU A 580 10.38 -3.01 -17.75
C LEU A 580 11.03 -1.90 -16.94
N MET A 581 10.89 -0.67 -17.41
CA MET A 581 11.47 0.50 -16.76
C MET A 581 10.72 0.85 -15.48
N HIS A 582 11.32 1.72 -14.65
CA HIS A 582 10.58 2.38 -13.56
C HIS A 582 10.50 3.86 -13.91
N PHE A 583 9.34 4.26 -14.43
CA PHE A 583 9.23 5.58 -15.01
C PHE A 583 9.35 6.69 -13.96
N SER A 584 8.73 6.52 -12.80
CA SER A 584 8.75 7.64 -11.85
C SER A 584 10.03 7.74 -11.04
N ILE A 585 10.63 6.62 -10.68
CA ILE A 585 11.95 6.66 -10.07
C ILE A 585 13.02 7.09 -11.05
N GLY A 586 12.88 6.72 -12.32
CA GLY A 586 13.82 7.17 -13.32
C GLY A 586 14.91 6.20 -13.73
N SER A 587 14.73 4.89 -13.52
CA SER A 587 15.78 3.94 -13.86
C SER A 587 15.24 2.87 -14.83
N ASN A 588 16.14 2.32 -15.66
CA ASN A 588 15.72 1.24 -16.53
C ASN A 588 15.61 -0.11 -15.83
N HIS A 589 16.22 -0.26 -14.67
CA HIS A 589 16.17 -1.49 -13.86
C HIS A 589 16.13 -1.12 -12.40
N TYR A 590 15.16 -1.70 -11.68
CA TYR A 590 15.02 -1.38 -10.28
C TYR A 590 14.37 -2.57 -9.58
N THR A 591 14.74 -2.80 -8.33
CA THR A 591 14.12 -3.86 -7.55
C THR A 591 14.12 -3.47 -6.09
N HIS A 592 13.60 -4.39 -5.26
CA HIS A 592 13.54 -4.20 -3.83
C HIS A 592 14.45 -5.20 -3.16
N PHE A 593 15.50 -4.67 -2.52
CA PHE A 593 16.57 -5.46 -1.95
C PHE A 593 16.78 -5.13 -0.47
N THR A 594 16.46 -3.90 -0.07
CA THR A 594 16.91 -3.38 1.21
C THR A 594 16.01 -3.71 2.39
N SER A 595 14.88 -4.40 2.19
CA SER A 595 13.90 -4.62 3.27
C SER A 595 13.34 -6.05 3.36
N PRO A 596 14.22 -7.08 3.45
CA PRO A 596 13.72 -8.48 3.51
C PRO A 596 13.04 -8.89 4.81
N ILE A 597 13.14 -8.12 5.90
CA ILE A 597 12.41 -8.54 7.10
C ILE A 597 10.91 -8.39 6.96
N ARG A 598 10.45 -7.56 6.04
CA ARG A 598 9.03 -7.17 5.89
C ARG A 598 8.50 -7.20 4.46
N ARG A 599 9.29 -7.61 3.48
CA ARG A 599 8.78 -7.74 2.11
C ARG A 599 9.34 -9.04 1.58
N TYR A 600 8.46 -9.83 1.00
CA TYR A 600 8.90 -11.14 0.52
C TYR A 600 9.77 -11.03 -0.73
N ILE A 601 9.55 -9.99 -1.53
CA ILE A 601 10.38 -9.80 -2.72
C ILE A 601 11.84 -9.59 -2.34
N ASP A 602 12.10 -8.73 -1.35
CA ASP A 602 13.49 -8.53 -0.91
C ASP A 602 14.11 -9.86 -0.47
N LEU A 603 13.36 -10.68 0.27
CA LEU A 603 13.85 -12.01 0.65
C LEU A 603 14.22 -12.85 -0.54
N THR A 604 13.37 -12.80 -1.57
CA THR A 604 13.63 -13.54 -2.79
C THR A 604 14.90 -13.04 -3.47
N ILE A 605 15.09 -11.71 -3.48
CA ILE A 605 16.29 -11.13 -4.09
C ILE A 605 17.54 -11.62 -3.35
N HIS A 606 17.49 -11.61 -2.01
CA HIS A 606 18.61 -12.14 -1.24
C HIS A 606 18.90 -13.60 -1.60
N ARG A 607 17.84 -14.42 -1.73
CA ARG A 607 18.02 -15.83 -2.10
C ARG A 607 18.74 -15.96 -3.43
N LEU A 608 18.35 -15.12 -4.41
CA LEU A 608 19.00 -15.13 -5.72
C LEU A 608 20.47 -14.79 -5.58
N LEU A 609 20.79 -13.77 -4.76
CA LEU A 609 22.18 -13.41 -4.55
C LEU A 609 22.95 -14.59 -4.00
N TRP A 610 22.40 -15.24 -2.97
CA TRP A 610 23.09 -16.36 -2.33
C TRP A 610 23.32 -17.54 -3.28
N MET A 611 22.28 -17.91 -4.04
CA MET A 611 22.32 -19.13 -4.85
C MET A 611 23.10 -19.01 -6.14
N HIS A 612 23.26 -17.80 -6.66
CA HIS A 612 23.92 -17.58 -7.93
C HIS A 612 25.27 -16.93 -7.78
N LEU A 613 25.44 -16.04 -6.81
CA LEU A 613 26.66 -15.25 -6.69
C LEU A 613 27.51 -15.53 -5.45
N PHE A 614 26.90 -15.68 -4.27
CA PHE A 614 27.70 -15.81 -3.05
C PHE A 614 28.22 -17.23 -2.85
N THR A 615 27.32 -18.22 -2.83
CA THR A 615 27.69 -19.61 -2.61
C THR A 615 26.95 -20.53 -3.58
N PRO A 616 27.13 -20.34 -4.89
CA PRO A 616 26.42 -21.23 -5.84
C PRO A 616 26.76 -22.68 -5.60
N ASP A 617 27.97 -22.95 -5.10
CA ASP A 617 28.43 -24.32 -4.84
C ASP A 617 27.63 -25.01 -3.73
N GLN A 618 26.95 -24.27 -2.85
CA GLN A 618 26.15 -24.90 -1.82
C GLN A 618 24.71 -25.13 -2.29
N PHE A 619 24.42 -24.90 -3.58
CA PHE A 619 23.09 -25.16 -4.09
C PHE A 619 23.20 -25.90 -5.41
N THR A 620 22.16 -26.67 -5.70
CA THR A 620 22.11 -27.43 -6.93
C THR A 620 21.44 -26.59 -8.02
N ASP A 621 21.68 -27.00 -9.26
CA ASP A 621 21.05 -26.35 -10.41
C ASP A 621 19.56 -26.48 -10.38
N ASN A 622 19.04 -27.54 -9.77
CA ASN A 622 17.60 -27.72 -9.68
C ASN A 622 16.99 -26.76 -8.65
N GLU A 623 17.74 -26.43 -7.59
CA GLU A 623 17.28 -25.38 -6.66
C GLU A 623 17.21 -24.03 -7.37
N ARG A 624 18.25 -23.71 -8.15
CA ARG A 624 18.25 -22.44 -8.91
C ARG A 624 17.11 -22.42 -9.93
N ASP A 625 16.89 -23.52 -10.64
CA ASP A 625 15.81 -23.53 -11.62
C ASP A 625 14.42 -23.57 -10.98
N GLN A 626 14.27 -24.25 -9.85
CA GLN A 626 12.99 -24.24 -9.14
C GLN A 626 12.62 -22.82 -8.73
N LEU A 627 13.56 -22.07 -8.19
CA LEU A 627 13.24 -20.68 -7.83
C LEU A 627 12.97 -19.82 -9.06
N LYS A 628 13.81 -19.96 -10.09
CA LYS A 628 13.58 -19.23 -11.34
C LYS A 628 12.16 -19.49 -11.85
N GLN A 629 11.70 -20.76 -11.89
CA GLN A 629 10.35 -21.09 -12.40
C GLN A 629 9.22 -20.46 -11.58
N GLU A 630 9.48 -20.20 -10.28
CA GLU A 630 8.47 -19.64 -9.37
C GLU A 630 8.42 -18.11 -9.35
N LEU A 631 9.40 -17.42 -9.94
CA LEU A 631 9.50 -15.98 -9.76
C LEU A 631 8.23 -15.29 -10.23
N GLU A 632 7.70 -15.71 -11.39
CA GLU A 632 6.53 -15.00 -11.89
C GLU A 632 5.31 -15.23 -10.99
N LYS A 633 5.22 -16.41 -10.37
CA LYS A 633 4.09 -16.64 -9.47
C LYS A 633 4.27 -15.85 -8.16
N ILE A 634 5.52 -15.73 -7.68
CA ILE A 634 5.78 -14.88 -6.52
C ILE A 634 5.39 -13.43 -6.82
N ALA A 635 5.81 -12.91 -7.97
CA ALA A 635 5.43 -11.54 -8.33
C ALA A 635 3.92 -11.37 -8.39
N ASP A 636 3.20 -12.36 -8.97
CA ASP A 636 1.73 -12.28 -9.05
C ASP A 636 1.10 -12.21 -7.67
N THR A 637 1.52 -13.09 -6.76
CA THR A 637 0.95 -13.07 -5.42
C THR A 637 1.25 -11.77 -4.70
N VAL A 638 2.48 -11.28 -4.82
CA VAL A 638 2.81 -10.03 -4.15
C VAL A 638 1.97 -8.87 -4.72
N ASN A 639 1.78 -8.85 -6.04
CA ASN A 639 0.98 -7.78 -6.66
C ASN A 639 -0.48 -7.86 -6.20
N ASP A 640 -1.07 -9.06 -6.21
CA ASP A 640 -2.45 -9.25 -5.79
C ASP A 640 -2.64 -8.90 -4.32
N THR A 641 -1.68 -9.31 -3.48
CA THR A 641 -1.79 -9.03 -2.06
C THR A 641 -1.55 -7.55 -1.75
N GLU A 642 -0.69 -6.89 -2.53
CA GLU A 642 -0.49 -5.46 -2.31
C GLU A 642 -1.78 -4.70 -2.51
N ILE A 643 -2.59 -5.11 -3.50
CA ILE A 643 -3.91 -4.49 -3.70
C ILE A 643 -4.79 -4.68 -2.47
N LYS A 644 -4.79 -5.88 -1.90
CA LYS A 644 -5.62 -6.17 -0.73
C LYS A 644 -5.15 -5.33 0.46
N ILE A 645 -3.83 -5.18 0.63
CA ILE A 645 -3.32 -4.40 1.76
C ILE A 645 -3.68 -2.93 1.62
N ILE A 646 -3.53 -2.38 0.40
CA ILE A 646 -3.91 -1.00 0.18
C ILE A 646 -5.40 -0.79 0.44
N ASN A 647 -6.23 -1.74 0.00
CA ASN A 647 -7.67 -1.63 0.24
C ASN A 647 -7.96 -1.75 1.74
N CYS A 648 -7.29 -2.68 2.41
CA CYS A 648 -7.41 -2.81 3.87
C CYS A 648 -7.06 -1.51 4.60
N GLU A 649 -5.94 -0.90 4.24
CA GLU A 649 -5.58 0.39 4.84
C GLU A 649 -6.63 1.46 4.57
N ARG A 650 -7.15 1.52 3.35
CA ARG A 650 -8.18 2.54 3.06
C ARG A 650 -9.47 2.27 3.84
N ASN A 651 -9.87 1.00 4.00
CA ASN A 651 -11.05 0.71 4.81
C ASN A 651 -10.83 1.18 6.25
N ALA A 652 -9.67 0.86 6.81
CA ALA A 652 -9.37 1.20 8.20
C ALA A 652 -9.24 2.68 8.37
N ASN A 653 -8.64 3.36 7.39
CA ASN A 653 -8.57 4.81 7.46
C ASN A 653 -9.98 5.41 7.50
N ASP A 654 -10.91 4.86 6.71
CA ASP A 654 -12.27 5.42 6.65
C ASP A 654 -13.06 5.08 7.90
N TYR A 655 -12.93 3.85 8.38
CA TYR A 655 -13.65 3.46 9.57
C TYR A 655 -13.23 4.35 10.73
N LEU A 656 -11.92 4.51 10.92
CA LEU A 656 -11.44 5.25 12.07
C LEU A 656 -11.68 6.73 11.92
N THR A 657 -11.52 7.28 10.70
CA THR A 657 -11.70 8.72 10.54
C THR A 657 -13.16 9.11 10.68
N THR A 658 -14.09 8.32 10.12
CA THR A 658 -15.50 8.68 10.30
C THR A 658 -15.95 8.45 11.73
N LEU A 659 -15.37 7.46 12.41
CA LEU A 659 -15.71 7.28 13.81
C LEU A 659 -15.25 8.48 14.62
N LEU A 660 -14.03 8.96 14.39
CA LEU A 660 -13.58 10.20 15.04
C LEU A 660 -14.48 11.40 14.70
N LEU A 661 -14.79 11.62 13.41
CA LEU A 661 -15.58 12.80 13.10
C LEU A 661 -17.01 12.69 13.58
N SER A 662 -17.50 11.49 13.90
CA SER A 662 -18.88 11.39 14.35
C SER A 662 -19.13 12.14 15.66
N LYS A 663 -18.07 12.51 16.37
CA LYS A 663 -18.19 13.27 17.60
C LYS A 663 -17.97 14.75 17.37
N GLN A 664 -17.87 15.17 16.12
CA GLN A 664 -17.58 16.56 15.87
C GLN A 664 -18.65 17.12 14.95
N ILE A 665 -19.83 16.48 14.98
CA ILE A 665 -20.94 16.96 14.16
C ILE A 665 -21.20 18.40 14.54
N GLY A 666 -21.42 19.22 13.52
CA GLY A 666 -21.66 20.64 13.62
C GLY A 666 -20.44 21.52 13.36
N LYS A 667 -19.22 20.99 13.40
CA LYS A 667 -18.09 21.86 13.07
C LYS A 667 -18.08 22.15 11.57
N THR A 668 -17.64 23.35 11.20
CA THR A 668 -17.49 23.78 9.82
C THR A 668 -16.03 23.61 9.41
N PHE A 669 -15.82 23.06 8.21
CA PHE A 669 -14.48 22.79 7.67
C PHE A 669 -14.29 23.43 6.31
N SER A 670 -13.13 24.05 6.10
CA SER A 670 -12.74 24.48 4.76
C SER A 670 -11.96 23.37 4.02
N GLY A 671 -11.96 23.46 2.68
CA GLY A 671 -11.30 22.47 1.86
C GLY A 671 -11.46 22.79 0.38
N PHE A 672 -11.08 21.83 -0.47
CA PHE A 672 -11.17 22.02 -1.91
C PHE A 672 -11.81 20.78 -2.54
N ILE A 673 -12.39 20.98 -3.73
CA ILE A 673 -13.03 19.89 -4.46
C ILE A 673 -11.99 18.92 -5.01
N SER A 674 -12.09 17.64 -4.62
CA SER A 674 -11.19 16.59 -5.09
C SER A 674 -11.78 15.72 -6.19
N ALA A 675 -13.09 15.73 -6.35
CA ALA A 675 -13.76 14.91 -7.34
C ALA A 675 -15.17 15.41 -7.52
N ILE A 676 -15.73 15.18 -8.70
CA ILE A 676 -17.13 15.51 -8.98
C ILE A 676 -17.75 14.26 -9.57
N THR A 677 -18.90 13.86 -9.02
CA THR A 677 -19.59 12.66 -9.45
C THR A 677 -21.04 12.97 -9.78
N SER A 678 -21.74 11.97 -10.30
CA SER A 678 -23.14 12.18 -10.62
C SER A 678 -24.00 12.38 -9.39
N PHE A 679 -23.57 11.93 -8.21
CA PHE A 679 -24.35 12.07 -6.99
C PHE A 679 -23.87 13.16 -6.03
N GLY A 680 -22.78 13.87 -6.37
CA GLY A 680 -22.43 15.09 -5.65
C GLY A 680 -20.94 15.42 -5.76
N ILE A 681 -20.47 16.20 -4.77
CA ILE A 681 -19.13 16.77 -4.70
C ILE A 681 -18.35 16.09 -3.57
N PHE A 682 -17.12 15.64 -3.84
CA PHE A 682 -16.20 15.23 -2.78
C PHE A 682 -15.27 16.39 -2.44
N MET A 683 -15.32 16.83 -1.19
CA MET A 683 -14.51 17.92 -0.68
C MET A 683 -13.46 17.42 0.29
N ARG A 684 -12.19 17.74 0.03
CA ARG A 684 -11.11 17.35 0.93
C ARG A 684 -10.90 18.42 2.00
N MET A 685 -11.14 18.05 3.26
CA MET A 685 -11.07 19.00 4.38
C MET A 685 -9.62 19.32 4.68
N ASP A 686 -9.29 20.61 4.76
CA ASP A 686 -7.90 21.02 5.00
C ASP A 686 -7.28 20.41 6.26
N GLU A 687 -8.02 20.37 7.38
CA GLU A 687 -7.36 20.01 8.66
C GLU A 687 -7.09 18.50 8.78
N ASN A 688 -7.75 17.66 7.98
CA ASN A 688 -7.59 16.23 8.15
C ASN A 688 -7.32 15.47 6.83
N ASN A 689 -7.30 16.15 5.69
CA ASN A 689 -6.98 15.51 4.40
C ASN A 689 -7.97 14.42 4.00
N PHE A 690 -9.16 14.42 4.58
CA PHE A 690 -10.18 13.44 4.27
C PHE A 690 -11.24 14.04 3.34
N ASP A 691 -11.76 13.24 2.43
CA ASP A 691 -12.79 13.66 1.49
C ASP A 691 -14.16 13.46 2.13
N GLY A 692 -14.96 14.53 2.19
CA GLY A 692 -16.36 14.40 2.56
C GLY A 692 -17.29 14.55 1.36
N LEU A 693 -18.52 14.03 1.46
CA LEU A 693 -19.47 14.08 0.35
C LEU A 693 -20.49 15.18 0.61
N ILE A 694 -20.64 16.07 -0.37
CA ILE A 694 -21.73 17.03 -0.41
C ILE A 694 -22.73 16.50 -1.43
N LYS A 695 -23.89 16.05 -0.98
CA LYS A 695 -24.84 15.44 -1.90
C LYS A 695 -25.46 16.45 -2.85
N ILE A 696 -25.56 16.04 -4.12
CA ILE A 696 -25.96 16.94 -5.20
C ILE A 696 -27.35 17.52 -4.92
N THR A 697 -28.25 16.73 -4.33
CA THR A 697 -29.65 17.13 -4.26
C THR A 697 -29.82 18.34 -3.35
N THR A 698 -28.97 18.46 -2.32
CA THR A 698 -29.12 19.51 -1.32
C THR A 698 -28.09 20.63 -1.48
N ILE A 699 -27.41 20.70 -2.62
CA ILE A 699 -26.61 21.91 -2.91
C ILE A 699 -27.55 23.10 -2.99
N PRO A 700 -27.27 24.20 -2.30
CA PRO A 700 -28.26 25.28 -2.25
C PRO A 700 -28.27 26.11 -3.53
N ASP A 701 -29.36 26.88 -3.66
CA ASP A 701 -29.58 28.04 -4.52
C ASP A 701 -30.00 27.65 -5.94
N ASP A 702 -29.95 26.37 -6.30
CA ASP A 702 -30.29 25.97 -7.66
C ASP A 702 -30.45 24.46 -7.73
N PHE A 703 -30.99 23.99 -8.85
CA PHE A 703 -31.00 22.58 -9.20
C PHE A 703 -29.82 22.30 -10.13
N PHE A 704 -28.95 21.40 -9.72
CA PHE A 704 -27.67 21.16 -10.39
C PHE A 704 -27.69 19.84 -11.15
N ILE A 705 -27.09 19.84 -12.33
CA ILE A 705 -27.09 18.66 -13.18
C ILE A 705 -25.64 18.31 -13.43
N PHE A 706 -25.31 17.03 -13.28
CA PHE A 706 -23.96 16.57 -13.60
C PHE A 706 -23.71 16.51 -15.09
N GLU A 707 -22.68 17.21 -15.55
CA GLU A 707 -22.20 17.16 -16.92
C GLU A 707 -20.81 16.56 -17.03
N LYS A 708 -20.72 15.41 -17.68
CA LYS A 708 -19.54 14.54 -17.71
C LYS A 708 -18.46 15.16 -18.57
N GLU A 709 -18.84 16.10 -19.45
CA GLU A 709 -17.89 16.66 -20.39
C GLU A 709 -16.69 17.32 -19.69
N LYS A 710 -16.93 18.26 -18.78
CA LYS A 710 -15.91 18.90 -17.94
C LYS A 710 -15.80 18.33 -16.54
N MET A 711 -16.67 17.40 -16.17
CA MET A 711 -16.72 16.86 -14.82
C MET A 711 -16.96 18.02 -13.85
N VAL A 712 -18.12 18.64 -14.04
CA VAL A 712 -18.60 19.75 -13.26
C VAL A 712 -20.07 19.53 -12.94
N LEU A 713 -20.55 20.21 -11.91
CA LEU A 713 -21.98 20.34 -11.69
C LEU A 713 -22.36 21.75 -12.09
N LYS A 714 -23.37 21.87 -12.96
CA LYS A 714 -23.86 23.15 -13.45
C LYS A 714 -25.31 23.34 -13.07
N GLY A 715 -25.63 24.53 -12.57
CA GLY A 715 -27.00 24.84 -12.19
C GLY A 715 -27.85 25.26 -13.39
N ARG A 716 -29.05 24.65 -13.49
CA ARG A 716 -29.90 24.82 -14.67
C ARG A 716 -30.21 26.30 -14.93
N LYS A 717 -30.41 27.08 -13.87
CA LYS A 717 -30.42 28.53 -13.97
C LYS A 717 -29.29 29.11 -13.12
N THR A 718 -28.86 30.32 -13.47
CA THR A 718 -27.76 31.10 -12.92
C THR A 718 -26.39 30.65 -13.43
N ASN A 719 -26.27 29.49 -14.07
CA ASN A 719 -24.97 29.01 -14.56
C ASN A 719 -23.91 28.78 -13.48
N LYS A 720 -24.25 28.65 -12.19
CA LYS A 720 -23.20 28.26 -11.27
C LYS A 720 -22.55 26.93 -11.59
N VAL A 721 -21.22 26.95 -11.54
CA VAL A 721 -20.39 25.80 -11.87
C VAL A 721 -19.57 25.42 -10.65
N TYR A 722 -19.63 24.15 -10.26
CA TYR A 722 -18.64 23.56 -9.37
C TYR A 722 -17.66 22.73 -10.19
N LYS A 723 -16.35 22.97 -10.01
CA LYS A 723 -15.33 22.23 -10.76
C LYS A 723 -14.23 21.77 -9.81
N ILE A 724 -13.46 20.79 -10.27
CA ILE A 724 -12.36 20.26 -9.47
C ILE A 724 -11.37 21.37 -9.14
N GLY A 725 -10.97 21.44 -7.85
CA GLY A 725 -10.04 22.44 -7.36
C GLY A 725 -10.63 23.63 -6.64
N ASP A 726 -11.93 23.86 -6.77
CA ASP A 726 -12.53 25.04 -6.14
C ASP A 726 -12.42 24.99 -4.62
N ARG A 727 -12.20 26.14 -4.01
CA ARG A 727 -12.13 26.26 -2.57
C ARG A 727 -13.52 26.41 -1.99
N LEU A 728 -13.76 25.69 -0.89
CA LEU A 728 -15.06 25.67 -0.26
C LEU A 728 -14.93 25.75 1.25
N GLU A 729 -16.07 26.08 1.87
CA GLU A 729 -16.34 25.96 3.29
C GLU A 729 -17.65 25.16 3.40
N ALA A 730 -17.70 24.21 4.33
CA ALA A 730 -18.85 23.33 4.42
C ALA A 730 -19.03 22.86 5.85
N LYS A 731 -20.27 22.48 6.14
CA LYS A 731 -20.70 22.03 7.44
C LYS A 731 -20.81 20.51 7.47
N LEU A 732 -20.27 19.88 8.53
CA LEU A 732 -20.47 18.44 8.77
C LEU A 732 -21.87 18.14 9.30
N SER A 733 -22.71 17.55 8.46
CA SER A 733 -24.11 17.31 8.82
C SER A 733 -24.36 15.89 9.31
N GLU A 734 -23.66 14.88 8.81
CA GLU A 734 -23.85 13.52 9.31
C GLU A 734 -22.68 12.64 8.95
N ILE A 735 -22.56 11.54 9.71
CA ILE A 735 -21.70 10.40 9.38
C ILE A 735 -22.59 9.29 8.87
N ASP A 736 -22.30 8.78 7.67
CA ASP A 736 -22.95 7.59 7.13
C ASP A 736 -22.11 6.41 7.59
N PHE A 737 -22.57 5.72 8.64
CA PHE A 737 -21.79 4.62 9.19
C PHE A 737 -21.86 3.36 8.36
N ILE A 738 -22.90 3.20 7.54
CA ILE A 738 -22.96 2.05 6.64
C ILE A 738 -21.83 2.10 5.61
N GLN A 739 -21.71 3.21 4.90
CA GLN A 739 -20.67 3.31 3.87
C GLN A 739 -19.39 4.00 4.36
N LYS A 740 -19.37 4.49 5.61
CA LYS A 740 -18.24 5.21 6.19
C LYS A 740 -17.85 6.43 5.35
N ARG A 741 -18.87 7.20 4.98
CA ARG A 741 -18.66 8.49 4.33
C ARG A 741 -19.12 9.59 5.29
N ALA A 742 -18.32 10.63 5.41
CA ALA A 742 -18.77 11.85 6.06
C ALA A 742 -19.58 12.68 5.04
N ILE A 743 -20.83 13.01 5.40
CA ILE A 743 -21.71 13.78 4.52
C ILE A 743 -21.70 15.23 5.01
N LEU A 744 -21.46 16.16 4.06
CA LEU A 744 -21.33 17.59 4.33
C LEU A 744 -22.40 18.42 3.60
N THR A 745 -22.75 19.56 4.19
CA THR A 745 -23.61 20.54 3.55
C THR A 745 -22.96 21.92 3.46
N LEU A 746 -23.11 22.53 2.29
CA LEU A 746 -22.50 23.80 1.96
C LEU A 746 -23.00 24.96 2.81
N ILE A 747 -22.07 25.83 3.17
CA ILE A 747 -22.40 27.05 3.89
C ILE A 747 -21.74 28.18 3.06
MG MG C . 15.41 0.98 8.54
#